data_1T4P
#
_entry.id   1T4P
#
_cell.length_a   88.400
_cell.length_b   88.400
_cell.length_c   110.520
_cell.angle_alpha   90.00
_cell.angle_beta   90.00
_cell.angle_gamma   120.00
#
_symmetry.space_group_name_H-M   'P 32'
#
loop_
_entity.id
_entity.type
_entity.pdbx_description
1 polymer 'Arginase 1'
2 non-polymer 'MANGANESE (II) ION'
3 non-polymer [(1E,5S)-5-AMINO-5-CARBOXYPENT-1-ENYL](TRIHYDROXY)BORATE(1-)
4 water water
#
_entity_poly.entity_id   1
_entity_poly.type   'polypeptide(L)'
_entity_poly.pdbx_seq_one_letter_code
;KPIEIIGAPFSKGQPRGGVEKGPAALRKAGLVEKLKETEYNVRDHGDLAFVDVPNDSPFQIVKNPRSVGKANEQLAAVVA
ETQKNGTISVVLGGDHSMAIGSISGHARVHPDLCVIWVDAHTDINTPLTTSSGNLHGQPVAFLLKELKGKFPDVPGFSWV
TPCISAKDIVYIGLRDVDPGEHYIIKTLGIKYFSMTEVDKLGIGKVMEETFSYLLGRKKRPIHLSFDVDGLDPVFTPATG
TPVVGGLSYREGLYITEEIYKTGLLSGLDIMEVNPTLGKTPEEVTRTVNTAVALTLSCFGTKREGNHKPETDYL
;
_entity_poly.pdbx_strand_id   A,B,C
#
# COMPACT_ATOMS: atom_id res chain seq x y z
N LYS A 1 -13.21 -21.18 24.75
CA LYS A 1 -12.10 -20.53 25.54
C LYS A 1 -12.44 -19.25 26.26
N PRO A 2 -11.88 -19.09 27.45
CA PRO A 2 -12.13 -17.87 28.21
C PRO A 2 -11.12 -16.80 27.79
N ILE A 3 -11.55 -15.54 27.88
CA ILE A 3 -10.74 -14.38 27.55
C ILE A 3 -10.85 -13.44 28.74
N GLU A 4 -9.73 -12.88 29.17
CA GLU A 4 -9.79 -11.96 30.27
C GLU A 4 -9.06 -10.67 29.92
N ILE A 5 -9.82 -9.58 29.86
CA ILE A 5 -9.27 -8.26 29.56
C ILE A 5 -8.70 -7.66 30.85
N ILE A 6 -7.50 -7.13 30.75
CA ILE A 6 -6.83 -6.53 31.90
C ILE A 6 -6.34 -5.18 31.46
N GLY A 7 -6.86 -4.13 32.08
CA GLY A 7 -6.43 -2.80 31.73
C GLY A 7 -5.19 -2.42 32.51
N ALA A 8 -4.24 -1.78 31.83
CA ALA A 8 -3.01 -1.33 32.46
C ALA A 8 -2.79 0.13 32.12
N PRO A 9 -3.60 1.04 32.69
CA PRO A 9 -3.48 2.48 32.43
C PRO A 9 -2.23 3.03 33.10
N PHE A 10 -1.09 2.83 32.45
CA PHE A 10 0.22 3.25 32.99
C PHE A 10 1.02 4.09 31.99
N SER A 11 1.86 5.00 32.48
CA SER A 11 2.64 5.84 31.56
C SER A 11 4.04 6.37 31.93
N LYS A 12 4.70 5.83 32.95
CA LYS A 12 6.07 6.31 33.27
C LYS A 12 7.14 5.63 32.45
N GLY A 13 6.69 4.77 31.56
CA GLY A 13 7.60 4.08 30.68
C GLY A 13 8.12 5.14 29.75
N GLN A 14 7.36 6.22 29.62
CA GLN A 14 7.74 7.31 28.72
C GLN A 14 7.19 8.68 29.14
N PRO A 15 7.79 9.77 28.62
CA PRO A 15 7.41 11.16 28.92
C PRO A 15 6.02 11.71 28.56
N ARG A 16 5.46 11.27 27.43
CA ARG A 16 4.15 11.78 27.01
C ARG A 16 2.96 11.27 27.80
N GLY A 17 2.24 12.19 28.44
CA GLY A 17 1.07 11.80 29.20
C GLY A 17 -0.07 11.50 28.23
N GLY A 18 -0.90 10.51 28.55
CA GLY A 18 -2.00 10.18 27.67
C GLY A 18 -2.27 8.68 27.53
N VAL A 19 -1.20 7.89 27.34
CA VAL A 19 -1.35 6.44 27.18
C VAL A 19 -2.19 5.76 28.25
N GLU A 20 -2.24 6.32 29.46
CA GLU A 20 -3.05 5.71 30.52
C GLU A 20 -4.55 5.77 30.19
N LYS A 21 -4.90 6.63 29.23
CA LYS A 21 -6.28 6.76 28.81
C LYS A 21 -6.59 5.71 27.74
N GLY A 22 -5.55 4.97 27.35
CA GLY A 22 -5.66 3.95 26.34
C GLY A 22 -6.77 2.95 26.58
N PRO A 23 -6.77 2.25 27.73
CA PRO A 23 -7.79 1.27 28.06
C PRO A 23 -9.21 1.80 27.98
N ALA A 24 -9.42 2.99 28.54
CA ALA A 24 -10.73 3.62 28.55
C ALA A 24 -11.24 3.83 27.12
N ALA A 25 -10.36 4.34 26.26
CA ALA A 25 -10.70 4.59 24.85
C ALA A 25 -11.11 3.30 24.13
N LEU A 26 -10.34 2.24 24.31
CA LEU A 26 -10.63 0.96 23.67
C LEU A 26 -11.95 0.37 24.20
N ARG A 27 -12.26 0.62 25.47
CA ARG A 27 -13.51 0.11 26.03
C ARG A 27 -14.67 0.95 25.50
N LYS A 28 -14.45 2.26 25.49
CA LYS A 28 -15.45 3.22 25.02
C LYS A 28 -15.86 2.91 23.57
N ALA A 29 -14.93 2.31 22.83
CA ALA A 29 -15.18 1.95 21.44
C ALA A 29 -15.92 0.62 21.31
N GLY A 30 -16.24 0.02 22.45
CA GLY A 30 -16.99 -1.23 22.43
C GLY A 30 -16.19 -2.51 22.25
N LEU A 31 -14.91 -2.48 22.63
CA LEU A 31 -14.06 -3.65 22.52
C LEU A 31 -14.63 -4.88 23.21
N VAL A 32 -14.97 -4.74 24.49
CA VAL A 32 -15.52 -5.85 25.28
C VAL A 32 -16.81 -6.43 24.70
N GLU A 33 -17.76 -5.57 24.34
CA GLU A 33 -19.04 -6.02 23.76
C GLU A 33 -18.82 -6.74 22.42
N LYS A 34 -17.98 -6.17 21.57
CA LYS A 34 -17.68 -6.75 20.27
C LYS A 34 -17.00 -8.10 20.43
N LEU A 35 -16.21 -8.27 21.49
CA LEU A 35 -15.51 -9.54 21.73
C LEU A 35 -16.50 -10.60 22.13
N LYS A 36 -17.52 -10.22 22.88
CA LYS A 36 -18.53 -11.17 23.34
C LYS A 36 -19.25 -11.77 22.15
N GLU A 37 -19.25 -11.06 21.03
CA GLU A 37 -19.94 -11.55 19.83
C GLU A 37 -19.17 -12.68 19.17
N THR A 38 -17.98 -12.95 19.66
CA THR A 38 -17.18 -14.04 19.09
C THR A 38 -17.47 -15.34 19.84
N GLU A 39 -16.85 -16.41 19.39
CA GLU A 39 -17.04 -17.72 20.00
C GLU A 39 -16.32 -17.85 21.33
N TYR A 40 -15.79 -16.74 21.84
CA TYR A 40 -15.06 -16.76 23.10
C TYR A 40 -15.87 -16.23 24.28
N ASN A 41 -15.57 -16.76 25.46
CA ASN A 41 -16.20 -16.33 26.70
C ASN A 41 -15.34 -15.18 27.16
N VAL A 42 -15.95 -14.03 27.41
CA VAL A 42 -15.19 -12.86 27.82
C VAL A 42 -15.46 -12.37 29.22
N ARG A 43 -14.39 -12.05 29.94
CA ARG A 43 -14.53 -11.54 31.30
C ARG A 43 -13.64 -10.32 31.43
N ASP A 44 -14.22 -9.20 31.83
CA ASP A 44 -13.45 -7.98 32.01
C ASP A 44 -13.02 -7.90 33.48
N HIS A 45 -11.70 -7.90 33.70
CA HIS A 45 -11.11 -7.84 35.03
C HIS A 45 -11.10 -6.39 35.57
N GLY A 46 -11.27 -5.44 34.66
CA GLY A 46 -11.24 -4.04 35.02
C GLY A 46 -9.82 -3.49 34.90
N ASP A 47 -9.64 -2.24 35.30
CA ASP A 47 -8.32 -1.61 35.26
C ASP A 47 -7.59 -1.73 36.59
N LEU A 48 -6.31 -2.09 36.52
CA LEU A 48 -5.50 -2.21 37.71
C LEU A 48 -5.22 -0.80 38.23
N ALA A 49 -5.12 -0.66 39.55
CA ALA A 49 -4.83 0.62 40.16
C ALA A 49 -3.36 0.55 40.57
N PHE A 50 -2.55 1.42 39.98
CA PHE A 50 -1.12 1.43 40.28
C PHE A 50 -0.76 2.46 41.35
N VAL A 51 -0.10 1.98 42.40
CA VAL A 51 0.34 2.83 43.50
C VAL A 51 1.60 3.59 43.10
N ASP A 52 1.54 4.91 43.17
CA ASP A 52 2.69 5.75 42.81
C ASP A 52 3.81 5.73 43.85
N VAL A 53 5.03 5.46 43.41
CA VAL A 53 6.18 5.40 44.30
C VAL A 53 6.70 6.80 44.56
N PRO A 54 6.45 7.33 45.78
CA PRO A 54 6.93 8.68 46.07
C PRO A 54 8.46 8.73 46.09
N ASN A 55 9.01 9.87 45.70
CA ASN A 55 10.45 10.06 45.69
C ASN A 55 11.16 9.03 44.80
N ASP A 56 10.62 8.84 43.60
CA ASP A 56 11.19 7.88 42.66
C ASP A 56 12.33 8.51 41.88
N SER A 57 13.50 8.61 42.52
CA SER A 57 14.66 9.22 41.91
C SER A 57 15.13 8.38 40.72
N PRO A 58 15.53 9.04 39.63
CA PRO A 58 16.01 8.30 38.45
C PRO A 58 17.29 7.52 38.74
N PHE A 59 17.43 6.37 38.08
CA PHE A 59 18.59 5.49 38.25
C PHE A 59 19.56 5.78 37.09
N GLN A 60 20.61 6.53 37.39
CA GLN A 60 21.53 7.02 36.42
C GLN A 60 20.71 7.79 35.42
N ILE A 61 20.34 7.17 34.33
CA ILE A 61 19.53 7.83 33.28
C ILE A 61 18.06 7.34 33.16
N VAL A 62 17.81 6.17 33.75
CA VAL A 62 16.50 5.54 33.79
C VAL A 62 15.52 6.35 34.67
N LYS A 63 14.36 6.68 34.11
CA LYS A 63 13.34 7.43 34.83
C LYS A 63 12.24 6.58 35.45
N ASN A 64 11.69 7.06 36.57
CA ASN A 64 10.62 6.36 37.27
C ASN A 64 10.82 4.84 37.35
N PRO A 65 12.03 4.38 37.67
CA PRO A 65 12.32 2.94 37.77
C PRO A 65 11.42 2.19 38.76
N ARG A 66 11.29 2.71 39.97
CA ARG A 66 10.47 2.05 40.99
C ARG A 66 8.98 2.01 40.66
N SER A 67 8.42 3.13 40.17
CA SER A 67 7.00 3.14 39.82
C SER A 67 6.73 2.14 38.71
N VAL A 68 7.65 2.06 37.75
CA VAL A 68 7.53 1.15 36.62
C VAL A 68 7.70 -0.30 37.04
N GLY A 69 8.70 -0.54 37.89
CA GLY A 69 8.97 -1.89 38.35
C GLY A 69 7.84 -2.45 39.21
N LYS A 70 7.23 -1.58 40.01
CA LYS A 70 6.15 -2.00 40.88
C LYS A 70 4.88 -2.26 40.08
N ALA A 71 4.55 -1.35 39.18
CA ALA A 71 3.36 -1.51 38.35
C ALA A 71 3.47 -2.81 37.56
N ASN A 72 4.68 -3.15 37.14
CA ASN A 72 4.92 -4.37 36.37
C ASN A 72 4.93 -5.63 37.22
N GLU A 73 5.26 -5.49 38.51
CA GLU A 73 5.27 -6.62 39.42
C GLU A 73 3.81 -6.97 39.69
N GLN A 74 3.00 -5.92 39.85
CA GLN A 74 1.58 -6.09 40.10
C GLN A 74 0.92 -6.77 38.90
N LEU A 75 1.17 -6.26 37.70
CA LEU A 75 0.58 -6.82 36.49
C LEU A 75 0.92 -8.27 36.32
N ALA A 76 2.20 -8.61 36.51
CA ALA A 76 2.65 -9.98 36.34
C ALA A 76 1.85 -10.91 37.26
N ALA A 77 1.63 -10.48 38.50
CA ALA A 77 0.87 -11.29 39.44
C ALA A 77 -0.48 -11.62 38.84
N VAL A 78 -1.23 -10.57 38.47
CA VAL A 78 -2.56 -10.72 37.88
C VAL A 78 -2.57 -11.62 36.64
N VAL A 79 -1.65 -11.41 35.72
CA VAL A 79 -1.60 -12.22 34.50
C VAL A 79 -1.32 -13.70 34.79
N ALA A 80 -0.42 -13.96 35.73
CA ALA A 80 -0.08 -15.34 36.09
C ALA A 80 -1.35 -16.00 36.62
N GLU A 81 -2.12 -15.23 37.38
CA GLU A 81 -3.36 -15.70 37.97
C GLU A 81 -4.36 -16.17 36.94
N THR A 82 -4.68 -15.32 35.97
CA THR A 82 -5.66 -15.67 34.93
C THR A 82 -5.10 -16.78 34.04
N GLN A 83 -3.79 -16.74 33.78
CA GLN A 83 -3.16 -17.75 32.94
C GLN A 83 -3.25 -19.13 33.59
N LYS A 84 -3.12 -19.12 34.92
CA LYS A 84 -3.18 -20.32 35.73
C LYS A 84 -4.54 -21.00 35.53
N ASN A 85 -5.59 -20.19 35.48
CA ASN A 85 -6.97 -20.66 35.29
C ASN A 85 -7.24 -21.08 33.85
N GLY A 86 -6.19 -21.21 33.05
CA GLY A 86 -6.38 -21.60 31.66
C GLY A 86 -7.07 -20.59 30.76
N THR A 87 -7.02 -19.29 31.10
CA THR A 87 -7.65 -18.27 30.25
C THR A 87 -6.63 -17.48 29.44
N ILE A 88 -7.07 -16.86 28.35
CA ILE A 88 -6.17 -16.07 27.52
C ILE A 88 -6.16 -14.65 28.03
N SER A 89 -4.96 -14.13 28.33
CA SER A 89 -4.88 -12.77 28.83
C SER A 89 -4.68 -11.73 27.71
N VAL A 90 -5.46 -10.66 27.82
CA VAL A 90 -5.43 -9.54 26.87
C VAL A 90 -5.21 -8.27 27.67
N VAL A 91 -3.98 -7.75 27.60
CA VAL A 91 -3.61 -6.55 28.32
C VAL A 91 -3.78 -5.30 27.45
N LEU A 92 -4.44 -4.29 28.00
CA LEU A 92 -4.70 -3.04 27.30
C LEU A 92 -3.71 -1.99 27.81
N GLY A 93 -2.76 -1.57 26.98
CA GLY A 93 -1.77 -0.59 27.37
C GLY A 93 -2.29 0.80 27.46
N GLY A 94 -1.86 1.49 28.50
CA GLY A 94 -0.70 2.35 28.62
C GLY A 94 0.45 2.08 27.67
N ASP A 95 1.64 2.39 28.15
CA ASP A 95 2.89 2.27 27.36
C ASP A 95 3.41 0.87 27.40
N HIS A 96 4.23 0.57 26.42
CA HIS A 96 4.79 -0.74 26.24
C HIS A 96 5.71 -1.34 27.32
N SER A 97 6.00 -0.59 28.38
CA SER A 97 6.90 -1.11 29.41
C SER A 97 6.16 -2.14 30.26
N MET A 98 4.84 -2.16 30.11
CA MET A 98 3.99 -3.10 30.83
C MET A 98 4.16 -4.52 30.30
N ALA A 99 4.80 -4.65 29.15
CA ALA A 99 5.05 -5.96 28.55
C ALA A 99 6.01 -6.76 29.44
N ILE A 100 6.71 -6.07 30.32
CA ILE A 100 7.62 -6.74 31.24
C ILE A 100 6.77 -7.62 32.15
N GLY A 101 5.80 -7.02 32.82
CA GLY A 101 4.94 -7.79 33.69
C GLY A 101 4.01 -8.74 32.96
N SER A 102 3.45 -8.29 31.83
CA SER A 102 2.54 -9.12 31.03
C SER A 102 3.21 -10.43 30.64
N ILE A 103 4.36 -10.33 29.98
CA ILE A 103 5.08 -11.52 29.54
C ILE A 103 5.63 -12.34 30.73
N SER A 104 6.15 -11.67 31.74
CA SER A 104 6.67 -12.36 32.92
C SER A 104 5.59 -13.21 33.56
N GLY A 105 4.43 -12.61 33.77
CA GLY A 105 3.33 -13.32 34.38
C GLY A 105 2.99 -14.54 33.56
N HIS A 106 2.85 -14.32 32.27
CA HIS A 106 2.54 -15.37 31.33
C HIS A 106 3.57 -16.51 31.40
N ALA A 107 4.84 -16.17 31.31
CA ALA A 107 5.90 -17.17 31.34
C ALA A 107 5.91 -18.05 32.58
N ARG A 108 5.41 -17.52 33.69
CA ARG A 108 5.38 -18.29 34.92
C ARG A 108 4.54 -19.53 34.74
N VAL A 109 3.41 -19.37 34.05
CA VAL A 109 2.49 -20.47 33.79
C VAL A 109 2.91 -21.29 32.56
N HIS A 110 3.41 -20.61 31.54
CA HIS A 110 3.86 -21.25 30.31
C HIS A 110 5.31 -20.86 30.00
N PRO A 111 6.27 -21.51 30.66
CA PRO A 111 7.70 -21.26 30.49
C PRO A 111 8.25 -21.50 29.09
N ASP A 112 7.52 -22.25 28.27
CA ASP A 112 7.97 -22.56 26.90
C ASP A 112 7.28 -21.73 25.82
N LEU A 113 6.70 -20.60 26.22
CA LEU A 113 5.99 -19.73 25.27
C LEU A 113 6.95 -18.94 24.38
N CYS A 114 6.46 -18.47 23.24
CA CYS A 114 7.29 -17.64 22.35
C CYS A 114 6.62 -16.25 22.17
N VAL A 115 7.43 -15.27 21.82
CA VAL A 115 6.92 -13.90 21.68
C VAL A 115 7.08 -13.30 20.29
N ILE A 116 5.95 -12.90 19.72
CA ILE A 116 5.94 -12.25 18.42
C ILE A 116 5.77 -10.78 18.79
N TRP A 117 6.77 -9.97 18.41
CA TRP A 117 6.76 -8.54 18.74
C TRP A 117 6.57 -7.64 17.53
N VAL A 118 5.34 -7.21 17.31
CA VAL A 118 4.99 -6.32 16.20
C VAL A 118 5.27 -4.89 16.67
N ASP A 119 6.36 -4.32 16.17
CA ASP A 119 6.73 -2.99 16.58
C ASP A 119 7.50 -2.29 15.48
N ALA A 120 7.82 -1.02 15.72
CA ALA A 120 8.59 -0.25 14.76
C ALA A 120 9.92 -0.14 15.46
N HIS A 121 9.87 -0.43 16.75
CA HIS A 121 11.01 -0.37 17.64
C HIS A 121 11.27 -1.73 18.26
N THR A 122 12.54 -2.02 18.52
CA THR A 122 12.92 -3.27 19.13
C THR A 122 12.67 -3.23 20.64
N ASP A 123 12.73 -2.03 21.22
CA ASP A 123 12.51 -1.82 22.65
C ASP A 123 13.42 -2.74 23.44
N ILE A 124 14.69 -2.78 23.03
CA ILE A 124 15.62 -3.66 23.67
C ILE A 124 16.85 -2.91 24.21
N ASN A 125 16.67 -1.62 24.49
CA ASN A 125 17.73 -0.78 25.02
C ASN A 125 17.94 -1.24 26.46
N THR A 126 19.20 -1.31 26.88
CA THR A 126 19.52 -1.69 28.26
C THR A 126 19.68 -0.37 28.98
N PRO A 127 19.55 -0.36 30.32
CA PRO A 127 19.70 0.88 31.10
C PRO A 127 20.96 1.66 30.72
N LEU A 128 21.96 0.94 30.23
CA LEU A 128 23.23 1.55 29.84
C LEU A 128 23.26 2.17 28.44
N THR A 129 22.49 1.59 27.52
CA THR A 129 22.46 2.09 26.14
C THR A 129 21.39 3.14 25.83
N THR A 130 20.36 3.24 26.67
CA THR A 130 19.31 4.22 26.43
C THR A 130 19.87 5.62 26.32
N SER A 131 19.30 6.41 25.41
CA SER A 131 19.72 7.78 25.15
C SER A 131 18.82 8.58 26.05
N SER A 132 17.60 8.11 26.15
CA SER A 132 16.61 8.73 27.02
C SER A 132 16.42 7.63 28.06
N GLY A 133 16.06 7.98 29.29
CA GLY A 133 15.88 6.96 30.29
C GLY A 133 14.49 6.35 30.29
N ASN A 134 13.79 6.49 29.18
CA ASN A 134 12.44 5.96 29.06
C ASN A 134 12.44 4.44 28.98
N LEU A 135 11.73 3.81 29.92
CA LEU A 135 11.64 2.36 30.02
C LEU A 135 10.82 1.64 28.95
N HIS A 136 9.85 2.33 28.34
CA HIS A 136 9.00 1.71 27.32
C HIS A 136 9.83 1.24 26.14
N GLY A 137 11.11 1.64 26.12
CA GLY A 137 12.00 1.24 25.04
C GLY A 137 13.04 0.23 25.50
N GLN A 138 12.82 -0.34 26.68
CA GLN A 138 13.76 -1.31 27.24
C GLN A 138 13.08 -2.60 27.72
N PRO A 139 11.75 -2.74 27.53
CA PRO A 139 11.10 -3.96 28.00
C PRO A 139 11.85 -5.27 27.77
N VAL A 140 12.14 -5.56 26.50
CA VAL A 140 12.81 -6.79 26.12
C VAL A 140 14.15 -7.00 26.81
N ALA A 141 14.85 -5.92 27.14
CA ALA A 141 16.15 -6.02 27.79
C ALA A 141 16.01 -6.70 29.15
N PHE A 142 14.90 -6.44 29.85
CA PHE A 142 14.66 -7.04 31.16
C PHE A 142 14.14 -8.47 31.06
N LEU A 143 13.75 -8.91 29.86
CA LEU A 143 13.21 -10.26 29.71
C LEU A 143 14.20 -11.28 29.16
N LEU A 144 15.12 -10.85 28.30
CA LEU A 144 16.09 -11.77 27.73
C LEU A 144 17.09 -12.34 28.72
N LYS A 145 17.24 -13.66 28.68
CA LYS A 145 18.17 -14.37 29.55
C LYS A 145 19.58 -13.98 29.14
N GLU A 146 19.81 -13.89 27.83
CA GLU A 146 21.10 -13.53 27.27
C GLU A 146 21.59 -12.14 27.66
N LEU A 147 20.70 -11.31 28.22
CA LEU A 147 21.09 -9.95 28.62
C LEU A 147 21.19 -9.83 30.14
N LYS A 148 21.11 -10.97 30.82
CA LYS A 148 21.21 -11.04 32.28
C LYS A 148 22.62 -10.64 32.72
N GLY A 149 22.71 -9.69 33.64
CA GLY A 149 24.00 -9.24 34.15
C GLY A 149 24.79 -8.34 33.23
N LYS A 150 24.18 -7.97 32.11
CA LYS A 150 24.84 -7.10 31.15
C LYS A 150 24.55 -5.63 31.44
N PHE A 151 23.83 -5.40 32.53
CA PHE A 151 23.50 -4.05 32.99
C PHE A 151 23.17 -4.07 34.48
N PRO A 152 23.53 -3.00 35.20
CA PRO A 152 23.28 -2.91 36.64
C PRO A 152 21.81 -3.10 37.04
N ASP A 153 21.59 -3.76 38.17
CA ASP A 153 20.25 -4.00 38.67
C ASP A 153 19.57 -2.64 38.89
N VAL A 154 18.30 -2.58 38.51
CA VAL A 154 17.52 -1.35 38.63
C VAL A 154 16.54 -1.42 39.78
N PRO A 155 16.36 -0.28 40.48
CA PRO A 155 15.45 -0.20 41.62
C PRO A 155 14.01 -0.57 41.25
N GLY A 156 13.50 -1.64 41.86
CA GLY A 156 12.13 -2.07 41.63
C GLY A 156 11.94 -3.23 40.66
N PHE A 157 13.03 -3.70 40.05
CA PHE A 157 12.97 -4.79 39.08
C PHE A 157 13.62 -6.09 39.56
N SER A 158 13.99 -6.15 40.83
CA SER A 158 14.62 -7.35 41.36
C SER A 158 13.76 -8.61 41.25
N TRP A 159 12.45 -8.43 41.24
CA TRP A 159 11.49 -9.53 41.14
C TRP A 159 11.50 -10.17 39.73
N VAL A 160 11.95 -9.42 38.73
CA VAL A 160 11.96 -9.92 37.37
C VAL A 160 12.95 -11.06 37.17
N THR A 161 12.52 -12.04 36.39
CA THR A 161 13.33 -13.23 36.09
C THR A 161 13.36 -13.42 34.57
N PRO A 162 14.51 -13.18 33.92
CA PRO A 162 14.58 -13.35 32.47
C PRO A 162 13.97 -14.68 32.04
N CYS A 163 12.78 -14.61 31.44
CA CYS A 163 12.04 -15.80 31.03
C CYS A 163 12.17 -16.36 29.62
N ILE A 164 12.54 -15.54 28.64
CA ILE A 164 12.71 -16.07 27.28
C ILE A 164 14.10 -15.78 26.76
N SER A 165 14.56 -16.61 25.83
CA SER A 165 15.88 -16.44 25.26
C SER A 165 15.76 -15.82 23.87
N ALA A 166 16.91 -15.51 23.26
CA ALA A 166 16.95 -14.91 21.93
C ALA A 166 16.29 -15.76 20.86
N LYS A 167 16.15 -17.06 21.12
CA LYS A 167 15.55 -17.95 20.16
C LYS A 167 14.03 -18.03 20.25
N ASP A 168 13.46 -17.40 21.26
CA ASP A 168 12.02 -17.44 21.42
C ASP A 168 11.31 -16.15 21.04
N ILE A 169 12.01 -15.24 20.37
CA ILE A 169 11.36 -14.00 19.98
C ILE A 169 11.56 -13.65 18.51
N VAL A 170 10.52 -13.05 17.93
CA VAL A 170 10.56 -12.61 16.53
C VAL A 170 9.93 -11.21 16.39
N TYR A 171 10.68 -10.29 15.80
CA TYR A 171 10.22 -8.92 15.58
C TYR A 171 9.65 -8.74 14.18
N ILE A 172 8.57 -7.99 14.07
CA ILE A 172 7.99 -7.69 12.76
C ILE A 172 7.54 -6.22 12.71
N GLY A 173 8.02 -5.50 11.69
CA GLY A 173 7.65 -4.12 11.52
C GLY A 173 8.73 -3.07 11.79
N LEU A 174 9.91 -3.54 12.22
CA LEU A 174 11.05 -2.68 12.57
C LEU A 174 11.48 -1.69 11.50
N ARG A 175 11.82 -0.49 11.95
CA ARG A 175 12.25 0.57 11.04
C ARG A 175 12.82 1.79 11.75
N ASP A 176 13.00 1.68 13.06
CA ASP A 176 13.57 2.75 13.85
C ASP A 176 14.35 2.13 15.00
N VAL A 177 15.54 1.65 14.68
CA VAL A 177 16.37 0.98 15.68
C VAL A 177 17.62 1.77 16.01
N ASP A 178 17.89 1.94 17.30
CA ASP A 178 19.07 2.67 17.74
C ASP A 178 20.34 1.83 17.51
N PRO A 179 21.50 2.49 17.32
CA PRO A 179 22.76 1.77 17.10
C PRO A 179 22.96 0.68 18.14
N GLY A 180 22.82 1.05 19.41
CA GLY A 180 22.97 0.07 20.48
C GLY A 180 22.08 -1.15 20.26
N GLU A 181 20.78 -0.91 20.11
CA GLU A 181 19.83 -2.00 19.91
C GLU A 181 20.17 -2.88 18.71
N HIS A 182 20.58 -2.24 17.62
CA HIS A 182 20.93 -2.98 16.42
C HIS A 182 22.12 -3.89 16.70
N TYR A 183 23.05 -3.41 17.54
CA TYR A 183 24.23 -4.19 17.91
C TYR A 183 23.74 -5.43 18.64
N ILE A 184 22.90 -5.19 19.65
CA ILE A 184 22.35 -6.27 20.45
C ILE A 184 21.66 -7.37 19.64
N ILE A 185 20.69 -7.00 18.81
CA ILE A 185 19.99 -8.03 18.02
C ILE A 185 20.89 -8.78 17.04
N LYS A 186 21.90 -8.09 16.50
CA LYS A 186 22.85 -8.74 15.58
C LYS A 186 23.75 -9.70 16.37
N THR A 187 24.28 -9.21 17.49
CA THR A 187 25.14 -10.01 18.34
C THR A 187 24.45 -11.24 18.91
N LEU A 188 23.20 -11.09 19.36
CA LEU A 188 22.44 -12.20 19.95
C LEU A 188 21.73 -13.12 18.97
N GLY A 189 21.79 -12.77 17.67
CA GLY A 189 21.17 -13.61 16.65
C GLY A 189 19.65 -13.66 16.67
N ILE A 190 19.04 -12.56 17.09
CA ILE A 190 17.58 -12.46 17.15
C ILE A 190 16.92 -12.42 15.78
N LYS A 191 15.86 -13.21 15.61
CA LYS A 191 15.15 -13.25 14.33
C LYS A 191 14.23 -12.02 14.22
N TYR A 192 14.26 -11.40 13.06
CA TYR A 192 13.45 -10.21 12.86
C TYR A 192 13.09 -10.03 11.41
N PHE A 193 12.06 -9.23 11.17
CA PHE A 193 11.60 -8.91 9.83
C PHE A 193 11.33 -7.41 9.88
N SER A 194 12.33 -6.63 9.52
CA SER A 194 12.16 -5.18 9.51
C SER A 194 11.28 -4.91 8.31
N MET A 195 11.00 -3.64 8.04
CA MET A 195 10.18 -3.31 6.90
C MET A 195 10.82 -3.78 5.60
N THR A 196 12.16 -3.79 5.51
CA THR A 196 12.81 -4.24 4.27
C THR A 196 12.52 -5.71 3.95
N GLU A 197 12.42 -6.55 4.98
CA GLU A 197 12.11 -7.96 4.75
C GLU A 197 10.63 -8.09 4.41
N VAL A 198 9.81 -7.26 5.04
CA VAL A 198 8.36 -7.29 4.73
C VAL A 198 8.18 -6.87 3.27
N ASP A 199 8.85 -5.78 2.87
CA ASP A 199 8.77 -5.33 1.49
C ASP A 199 9.28 -6.39 0.52
N LYS A 200 10.41 -7.01 0.87
CA LYS A 200 11.00 -8.03 0.01
C LYS A 200 10.22 -9.33 -0.08
N LEU A 201 9.76 -9.84 1.06
CA LEU A 201 9.05 -11.10 1.07
C LEU A 201 7.54 -11.07 0.90
N GLY A 202 6.89 -10.02 1.40
CA GLY A 202 5.45 -9.96 1.34
C GLY A 202 5.04 -10.41 2.72
N ILE A 203 3.92 -9.93 3.22
CA ILE A 203 3.51 -10.28 4.56
C ILE A 203 3.13 -11.74 4.70
N GLY A 204 2.81 -12.38 3.58
CA GLY A 204 2.43 -13.78 3.62
C GLY A 204 3.60 -14.69 3.95
N LYS A 205 4.71 -14.49 3.25
CA LYS A 205 5.89 -15.31 3.47
C LYS A 205 6.52 -15.02 4.82
N VAL A 206 6.40 -13.77 5.26
CA VAL A 206 6.95 -13.36 6.55
C VAL A 206 6.33 -14.17 7.65
N MET A 207 5.01 -14.29 7.62
CA MET A 207 4.28 -15.04 8.65
C MET A 207 4.59 -16.51 8.59
N GLU A 208 4.71 -17.02 7.38
CA GLU A 208 5.02 -18.42 7.13
C GLU A 208 6.36 -18.74 7.80
N GLU A 209 7.35 -17.88 7.57
CA GLU A 209 8.68 -18.06 8.15
C GLU A 209 8.76 -17.83 9.67
N THR A 210 7.90 -16.99 10.22
CA THR A 210 7.95 -16.70 11.66
C THR A 210 7.42 -17.87 12.44
N PHE A 211 6.52 -18.61 11.82
CA PHE A 211 5.93 -19.78 12.47
C PHE A 211 6.89 -20.97 12.40
N SER A 212 7.44 -21.24 11.23
CA SER A 212 8.36 -22.37 11.08
C SER A 212 9.62 -22.16 11.91
N TYR A 213 9.90 -20.91 12.28
CA TYR A 213 11.07 -20.59 13.09
C TYR A 213 10.78 -20.77 14.58
N LEU A 214 9.57 -20.41 15.00
CA LEU A 214 9.18 -20.50 16.41
C LEU A 214 8.38 -21.72 16.78
N LEU A 215 7.76 -22.36 15.79
CA LEU A 215 6.93 -23.53 16.04
C LEU A 215 7.38 -24.74 15.23
N GLY A 216 8.50 -24.60 14.53
CA GLY A 216 9.00 -25.70 13.72
C GLY A 216 9.12 -26.99 14.52
N ARG A 217 9.93 -26.94 15.58
CA ARG A 217 10.16 -28.11 16.42
C ARG A 217 8.99 -28.45 17.34
N LYS A 218 8.71 -27.57 18.30
CA LYS A 218 7.63 -27.78 19.24
C LYS A 218 6.54 -26.74 19.08
N LYS A 219 5.29 -27.15 19.23
CA LYS A 219 4.17 -26.22 19.17
C LYS A 219 4.12 -25.68 20.59
N ARG A 220 4.10 -24.37 20.76
CA ARG A 220 4.04 -23.80 22.10
C ARG A 220 3.11 -22.59 22.19
N PRO A 221 2.85 -22.09 23.41
CA PRO A 221 1.96 -20.94 23.52
C PRO A 221 2.57 -19.71 22.88
N ILE A 222 1.73 -18.86 22.29
CA ILE A 222 2.22 -17.64 21.64
C ILE A 222 1.82 -16.38 22.40
N HIS A 223 2.78 -15.48 22.58
CA HIS A 223 2.48 -14.22 23.24
C HIS A 223 2.65 -13.10 22.21
N LEU A 224 1.53 -12.48 21.82
CA LEU A 224 1.60 -11.38 20.86
C LEU A 224 1.60 -10.00 21.55
N SER A 225 2.74 -9.33 21.51
CA SER A 225 2.86 -7.99 22.09
C SER A 225 2.79 -7.01 20.90
N PHE A 226 1.64 -6.37 20.73
CA PHE A 226 1.39 -5.48 19.61
C PHE A 226 1.46 -3.99 19.90
N ASP A 227 2.52 -3.37 19.43
CA ASP A 227 2.69 -1.94 19.62
C ASP A 227 2.01 -1.29 18.42
N VAL A 228 0.92 -0.60 18.69
CA VAL A 228 0.16 0.09 17.66
C VAL A 228 1.00 0.99 16.75
N ASP A 229 2.22 1.34 17.14
CA ASP A 229 3.04 2.17 16.26
C ASP A 229 3.72 1.36 15.18
N GLY A 230 3.48 0.04 15.21
CA GLY A 230 4.05 -0.86 14.22
C GLY A 230 3.40 -0.59 12.87
N LEU A 231 2.16 -0.12 12.89
CA LEU A 231 1.44 0.24 11.67
C LEU A 231 1.86 1.66 11.28
N ASP A 232 1.66 2.00 10.01
CA ASP A 232 2.01 3.30 9.52
C ASP A 232 1.14 4.37 10.20
N PRO A 233 1.73 5.53 10.49
CA PRO A 233 1.04 6.66 11.13
C PRO A 233 -0.28 7.03 10.48
N VAL A 234 -0.48 6.58 9.25
CA VAL A 234 -1.72 6.85 8.52
C VAL A 234 -2.86 6.02 9.05
N PHE A 235 -2.55 4.94 9.77
CA PHE A 235 -3.59 4.07 10.30
C PHE A 235 -3.75 4.20 11.80
N THR A 236 -2.64 4.46 12.48
CA THR A 236 -2.61 4.62 13.93
C THR A 236 -1.77 5.86 14.27
N PRO A 237 -2.31 7.06 14.00
CA PRO A 237 -1.59 8.31 14.28
C PRO A 237 -1.51 8.73 15.72
N ALA A 238 -2.43 8.22 16.55
CA ALA A 238 -2.45 8.60 17.96
C ALA A 238 -1.48 7.82 18.86
N THR A 239 -0.19 7.91 18.58
CA THR A 239 0.81 7.24 19.42
C THR A 239 1.97 8.16 19.66
N GLY A 240 2.78 7.82 20.65
CA GLY A 240 3.93 8.63 21.00
C GLY A 240 5.08 8.66 20.03
N THR A 241 5.37 7.54 19.37
CA THR A 241 6.51 7.50 18.45
C THR A 241 6.18 7.02 17.05
N PRO A 242 5.48 7.84 16.26
CA PRO A 242 5.14 7.42 14.90
C PRO A 242 6.39 7.36 14.03
N VAL A 243 6.39 6.44 13.07
CA VAL A 243 7.52 6.31 12.15
C VAL A 243 6.94 5.95 10.83
N VAL A 244 7.33 6.70 9.81
CA VAL A 244 6.66 6.52 8.49
C VAL A 244 7.24 5.18 7.88
N GLY A 245 6.52 4.64 6.89
CA GLY A 245 6.91 3.43 6.19
C GLY A 245 6.61 2.21 6.99
N GLY A 246 5.41 2.11 7.54
CA GLY A 246 5.10 0.96 8.36
C GLY A 246 4.09 0.01 7.78
N LEU A 247 3.72 -0.96 8.62
CA LEU A 247 2.74 -1.96 8.25
C LEU A 247 1.41 -1.26 7.94
N SER A 248 0.72 -1.79 6.93
CA SER A 248 -0.54 -1.24 6.50
C SER A 248 -1.62 -1.84 7.36
N TYR A 249 -2.80 -1.24 7.32
CA TYR A 249 -3.93 -1.76 8.05
C TYR A 249 -4.14 -3.24 7.62
N ARG A 250 -4.14 -3.48 6.31
CA ARG A 250 -4.29 -4.84 5.77
C ARG A 250 -3.26 -5.79 6.34
N GLU A 251 -1.96 -5.47 6.21
CA GLU A 251 -0.92 -6.34 6.76
C GLU A 251 -1.11 -6.64 8.24
N GLY A 252 -1.43 -5.62 9.03
CA GLY A 252 -1.64 -5.80 10.46
C GLY A 252 -2.69 -6.87 10.70
N LEU A 253 -3.82 -6.78 9.99
CA LEU A 253 -4.87 -7.75 10.16
C LEU A 253 -4.39 -9.12 9.68
N TYR A 254 -3.58 -9.12 8.62
CA TYR A 254 -3.09 -10.40 8.14
C TYR A 254 -2.28 -11.12 9.21
N ILE A 255 -1.50 -10.34 9.96
CA ILE A 255 -0.68 -10.92 11.02
C ILE A 255 -1.59 -11.51 12.07
N THR A 256 -2.55 -10.72 12.52
CA THR A 256 -3.48 -11.19 13.56
C THR A 256 -4.35 -12.36 13.10
N GLU A 257 -4.71 -12.41 11.81
CA GLU A 257 -5.53 -13.50 11.28
C GLU A 257 -4.75 -14.81 11.28
N GLU A 258 -3.51 -14.76 10.84
CA GLU A 258 -2.69 -15.95 10.81
C GLU A 258 -2.41 -16.47 12.21
N ILE A 259 -2.25 -15.56 13.17
CA ILE A 259 -2.00 -15.98 14.53
C ILE A 259 -3.24 -16.63 15.12
N TYR A 260 -4.43 -16.17 14.73
CA TYR A 260 -5.64 -16.79 15.24
C TYR A 260 -5.70 -18.23 14.75
N LYS A 261 -5.46 -18.40 13.46
CA LYS A 261 -5.48 -19.71 12.85
C LYS A 261 -4.60 -20.75 13.53
N THR A 262 -3.46 -20.35 14.11
CA THR A 262 -2.57 -21.31 14.76
C THR A 262 -3.22 -21.95 16.00
N GLY A 263 -4.27 -21.32 16.50
CA GLY A 263 -4.95 -21.84 17.67
C GLY A 263 -4.08 -21.80 18.92
N LEU A 264 -2.89 -21.20 18.82
CA LEU A 264 -1.98 -21.15 19.96
C LEU A 264 -1.88 -19.81 20.70
N LEU A 265 -2.68 -18.81 20.33
CA LEU A 265 -2.62 -17.52 21.01
C LEU A 265 -2.96 -17.70 22.47
N SER A 266 -2.01 -17.34 23.33
CA SER A 266 -2.15 -17.48 24.78
C SER A 266 -2.12 -16.13 25.52
N GLY A 267 -1.42 -15.16 24.95
CA GLY A 267 -1.33 -13.85 25.57
C GLY A 267 -1.25 -12.74 24.56
N LEU A 268 -1.93 -11.64 24.86
CA LEU A 268 -1.98 -10.50 23.94
C LEU A 268 -1.82 -9.12 24.58
N ASP A 269 -1.06 -8.26 23.91
CA ASP A 269 -0.82 -6.89 24.36
C ASP A 269 -1.15 -5.89 23.27
N ILE A 270 -2.08 -4.99 23.58
CA ILE A 270 -2.46 -3.93 22.66
C ILE A 270 -1.94 -2.65 23.32
N MET A 271 -0.72 -2.27 22.98
CA MET A 271 -0.05 -1.13 23.61
C MET A 271 0.16 0.16 22.81
N GLU A 272 0.49 1.20 23.58
CA GLU A 272 0.78 2.55 23.07
C GLU A 272 -0.34 3.38 22.44
N VAL A 273 -1.60 3.02 22.69
CA VAL A 273 -2.68 3.82 22.12
C VAL A 273 -2.81 5.07 22.98
N ASN A 274 -2.46 6.23 22.42
CA ASN A 274 -2.56 7.48 23.18
C ASN A 274 -3.61 8.44 22.62
N PRO A 275 -4.84 8.38 23.17
CA PRO A 275 -5.99 9.20 22.79
C PRO A 275 -5.76 10.71 22.79
N THR A 276 -4.78 11.18 23.56
CA THR A 276 -4.52 12.62 23.61
C THR A 276 -3.60 13.12 22.48
N LEU A 277 -2.96 12.21 21.76
CA LEU A 277 -2.05 12.60 20.70
C LEU A 277 -2.67 12.71 19.31
N GLY A 278 -3.99 12.57 19.23
CA GLY A 278 -4.64 12.70 17.94
C GLY A 278 -4.82 14.16 17.57
N LYS A 279 -4.33 14.56 16.40
CA LYS A 279 -4.47 15.95 15.94
C LYS A 279 -5.93 16.32 15.72
N THR A 280 -6.72 15.36 15.27
CA THR A 280 -8.15 15.61 15.06
C THR A 280 -8.89 14.46 15.72
N PRO A 281 -10.13 14.69 16.17
CA PRO A 281 -10.83 13.58 16.79
C PRO A 281 -10.81 12.33 15.91
N GLU A 282 -10.87 12.54 14.60
CA GLU A 282 -10.86 11.43 13.66
C GLU A 282 -9.58 10.61 13.77
N GLU A 283 -8.45 11.27 13.99
CA GLU A 283 -7.20 10.54 14.11
C GLU A 283 -7.25 9.60 15.29
N VAL A 284 -7.88 10.04 16.37
CA VAL A 284 -7.97 9.20 17.55
C VAL A 284 -8.91 8.04 17.26
N THR A 285 -10.04 8.34 16.60
CA THR A 285 -11.03 7.32 16.24
C THR A 285 -10.42 6.32 15.27
N ARG A 286 -9.59 6.81 14.36
CA ARG A 286 -8.96 5.93 13.40
C ARG A 286 -8.16 4.92 14.19
N THR A 287 -7.28 5.43 15.06
CA THR A 287 -6.38 4.63 15.90
C THR A 287 -7.06 3.57 16.76
N VAL A 288 -8.04 3.99 17.55
CA VAL A 288 -8.78 3.09 18.44
C VAL A 288 -9.48 1.99 17.68
N ASN A 289 -10.11 2.38 16.58
CA ASN A 289 -10.82 1.42 15.77
C ASN A 289 -9.90 0.36 15.20
N THR A 290 -8.78 0.76 14.61
CA THR A 290 -7.94 -0.28 14.07
C THR A 290 -7.35 -1.16 15.18
N ALA A 291 -7.09 -0.57 16.34
CA ALA A 291 -6.59 -1.33 17.48
C ALA A 291 -7.63 -2.38 17.84
N VAL A 292 -8.88 -1.96 17.92
CA VAL A 292 -9.99 -2.85 18.25
C VAL A 292 -10.11 -3.93 17.17
N ALA A 293 -9.99 -3.52 15.92
CA ALA A 293 -10.12 -4.50 14.84
C ALA A 293 -9.07 -5.61 14.99
N LEU A 294 -7.83 -5.21 15.24
CA LEU A 294 -6.74 -6.16 15.40
C LEU A 294 -7.06 -7.12 16.54
N THR A 295 -7.62 -6.60 17.61
CA THR A 295 -7.93 -7.43 18.75
C THR A 295 -8.96 -8.50 18.36
N LEU A 296 -10.04 -8.10 17.71
CA LEU A 296 -11.07 -9.05 17.32
C LEU A 296 -10.56 -10.04 16.29
N SER A 297 -9.59 -9.62 15.51
CA SER A 297 -9.01 -10.48 14.49
C SER A 297 -8.21 -11.59 15.17
N CYS A 298 -7.60 -11.25 16.29
CA CYS A 298 -6.79 -12.19 17.04
C CYS A 298 -7.67 -13.31 17.55
N PHE A 299 -8.94 -12.97 17.76
CA PHE A 299 -9.90 -13.94 18.26
C PHE A 299 -10.95 -14.41 17.28
N GLY A 300 -10.55 -14.66 16.03
CA GLY A 300 -11.50 -15.20 15.07
C GLY A 300 -12.04 -14.38 13.92
N THR A 301 -12.40 -13.12 14.16
CA THR A 301 -12.97 -12.27 13.12
C THR A 301 -12.12 -12.32 11.86
N LYS A 302 -12.73 -12.83 10.78
CA LYS A 302 -12.07 -12.96 9.49
C LYS A 302 -12.69 -11.99 8.49
N ARG A 303 -11.89 -11.53 7.52
CA ARG A 303 -12.35 -10.61 6.49
C ARG A 303 -13.20 -11.30 5.40
N GLU A 304 -13.11 -12.62 5.36
CA GLU A 304 -13.88 -13.39 4.39
C GLU A 304 -15.26 -13.58 5.00
N GLY A 305 -15.34 -13.33 6.30
CA GLY A 305 -16.62 -13.46 6.97
C GLY A 305 -16.65 -14.54 8.05
N ASN A 306 -17.72 -14.53 8.82
CA ASN A 306 -17.91 -15.48 9.91
C ASN A 306 -19.39 -15.82 9.97
N HIS A 307 -19.67 -17.07 10.33
CA HIS A 307 -21.04 -17.52 10.47
C HIS A 307 -21.03 -18.52 11.60
N LYS A 308 -22.11 -18.53 12.38
CA LYS A 308 -22.23 -19.43 13.52
C LYS A 308 -22.57 -20.88 13.15
N PRO A 309 -21.72 -21.82 13.60
CA PRO A 309 -21.92 -23.24 13.34
C PRO A 309 -23.31 -23.73 13.72
N GLU A 310 -23.75 -24.79 13.05
CA GLU A 310 -25.05 -25.38 13.30
C GLU A 310 -26.25 -24.51 12.97
N THR A 311 -26.02 -23.32 12.45
CA THR A 311 -27.13 -22.45 12.10
C THR A 311 -27.34 -22.47 10.59
N ASP A 312 -28.48 -23.03 10.16
CA ASP A 312 -28.80 -23.09 8.74
C ASP A 312 -29.51 -21.78 8.38
N TYR A 313 -28.75 -20.85 7.79
CA TYR A 313 -29.28 -19.55 7.43
C TYR A 313 -30.28 -19.59 6.28
N LEU A 314 -30.49 -20.78 5.70
CA LEU A 314 -31.44 -20.91 4.60
C LEU A 314 -32.70 -21.63 5.07
N LYS B 1 -12.91 -4.80 -32.65
CA LYS B 1 -14.03 -5.21 -31.74
C LYS B 1 -14.99 -4.09 -31.38
N PRO B 2 -16.29 -4.38 -31.34
CA PRO B 2 -17.29 -3.35 -30.99
C PRO B 2 -17.57 -3.29 -29.49
N ILE B 3 -17.80 -2.09 -29.00
CA ILE B 3 -18.11 -1.85 -27.60
C ILE B 3 -19.45 -1.14 -27.56
N GLU B 4 -20.32 -1.53 -26.63
CA GLU B 4 -21.59 -0.85 -26.52
C GLU B 4 -21.85 -0.47 -25.07
N ILE B 5 -21.90 0.83 -24.80
CA ILE B 5 -22.15 1.34 -23.47
C ILE B 5 -23.66 1.32 -23.25
N ILE B 6 -24.08 0.84 -22.08
CA ILE B 6 -25.48 0.78 -21.72
C ILE B 6 -25.62 1.36 -20.34
N GLY B 7 -26.35 2.47 -20.24
CA GLY B 7 -26.53 3.09 -18.94
C GLY B 7 -27.70 2.50 -18.21
N ALA B 8 -27.51 2.25 -16.91
CA ALA B 8 -28.54 1.69 -16.06
C ALA B 8 -28.69 2.55 -14.82
N PRO B 9 -29.28 3.76 -14.96
CA PRO B 9 -29.50 4.69 -13.85
C PRO B 9 -30.61 4.15 -12.97
N PHE B 10 -30.29 3.18 -12.12
CA PHE B 10 -31.27 2.56 -11.25
C PHE B 10 -30.78 2.56 -9.82
N SER B 11 -31.70 2.63 -8.86
CA SER B 11 -31.32 2.69 -7.45
C SER B 11 -32.21 2.05 -6.37
N LYS B 12 -33.21 1.25 -6.75
CA LYS B 12 -34.08 0.63 -5.75
C LYS B 12 -33.44 -0.63 -5.17
N GLY B 13 -32.23 -0.92 -5.61
CA GLY B 13 -31.55 -2.09 -5.10
C GLY B 13 -31.12 -1.75 -3.70
N GLN B 14 -31.05 -0.45 -3.40
CA GLN B 14 -30.65 0.02 -2.08
C GLN B 14 -31.29 1.37 -1.67
N PRO B 15 -31.27 1.69 -0.36
CA PRO B 15 -31.85 2.92 0.18
C PRO B 15 -31.28 4.30 -0.20
N ARG B 16 -29.97 4.39 -0.40
CA ARG B 16 -29.34 5.67 -0.70
C ARG B 16 -29.56 6.17 -2.11
N GLY B 17 -30.23 7.31 -2.23
CA GLY B 17 -30.48 7.89 -3.53
C GLY B 17 -29.19 8.49 -4.06
N GLY B 18 -28.98 8.40 -5.37
CA GLY B 18 -27.76 8.96 -5.94
C GLY B 18 -27.12 8.11 -7.02
N VAL B 19 -27.01 6.80 -6.79
CA VAL B 19 -26.42 5.89 -7.77
C VAL B 19 -26.96 6.03 -9.19
N GLU B 20 -28.23 6.43 -9.33
CA GLU B 20 -28.80 6.57 -10.66
C GLU B 20 -28.14 7.70 -11.44
N LYS B 21 -27.38 8.55 -10.74
CA LYS B 21 -26.66 9.65 -11.38
C LYS B 21 -25.28 9.14 -11.81
N GLY B 22 -25.02 7.86 -11.53
CA GLY B 22 -23.75 7.24 -11.85
C GLY B 22 -23.35 7.35 -13.31
N PRO B 23 -24.19 6.85 -14.23
CA PRO B 23 -23.91 6.89 -15.67
C PRO B 23 -23.64 8.30 -16.20
N ALA B 24 -24.39 9.27 -15.71
CA ALA B 24 -24.20 10.64 -16.17
C ALA B 24 -22.82 11.14 -15.76
N ALA B 25 -22.44 10.88 -14.52
CA ALA B 25 -21.13 11.29 -14.03
C ALA B 25 -20.01 10.69 -14.86
N LEU B 26 -20.10 9.40 -15.14
CA LEU B 26 -19.06 8.70 -15.91
C LEU B 26 -18.95 9.21 -17.34
N ARG B 27 -20.07 9.67 -17.91
CA ARG B 27 -20.07 10.20 -19.27
C ARG B 27 -19.54 11.63 -19.24
N LYS B 28 -19.93 12.37 -18.22
CA LYS B 28 -19.52 13.75 -18.04
C LYS B 28 -18.02 13.79 -17.92
N ALA B 29 -17.45 12.72 -17.38
CA ALA B 29 -15.99 12.64 -17.21
C ALA B 29 -15.30 12.23 -18.50
N GLY B 30 -16.08 12.07 -19.56
CA GLY B 30 -15.50 11.72 -20.85
C GLY B 30 -15.21 10.26 -21.12
N LEU B 31 -15.92 9.38 -20.45
CA LEU B 31 -15.72 7.94 -20.61
C LEU B 31 -15.83 7.50 -22.08
N VAL B 32 -16.92 7.88 -22.72
CA VAL B 32 -17.16 7.50 -24.09
C VAL B 32 -16.10 8.02 -25.04
N GLU B 33 -15.77 9.30 -24.95
CA GLU B 33 -14.77 9.89 -25.83
C GLU B 33 -13.39 9.24 -25.63
N LYS B 34 -13.03 8.99 -24.37
CA LYS B 34 -11.75 8.38 -24.05
C LYS B 34 -11.68 6.95 -24.58
N LEU B 35 -12.82 6.27 -24.59
CA LEU B 35 -12.86 4.89 -25.10
C LEU B 35 -12.64 4.87 -26.61
N LYS B 36 -13.17 5.86 -27.31
CA LYS B 36 -13.01 5.93 -28.76
C LYS B 36 -11.54 6.02 -29.12
N GLU B 37 -10.72 6.54 -28.21
CA GLU B 37 -9.29 6.68 -28.48
C GLU B 37 -8.55 5.34 -28.43
N THR B 38 -9.26 4.28 -28.08
CA THR B 38 -8.65 2.97 -28.03
C THR B 38 -8.89 2.27 -29.36
N GLU B 39 -8.35 1.06 -29.50
CA GLU B 39 -8.49 0.30 -30.74
C GLU B 39 -9.87 -0.31 -30.93
N TYR B 40 -10.81 0.08 -30.06
CA TYR B 40 -12.17 -0.45 -30.13
C TYR B 40 -13.17 0.52 -30.75
N ASN B 41 -14.17 -0.04 -31.43
CA ASN B 41 -15.23 0.73 -32.02
C ASN B 41 -16.23 0.90 -30.89
N VAL B 42 -16.66 2.13 -30.66
CA VAL B 42 -17.58 2.37 -29.57
C VAL B 42 -18.94 2.92 -29.97
N ARG B 43 -20.00 2.35 -29.39
CA ARG B 43 -21.35 2.82 -29.66
C ARG B 43 -22.07 3.03 -28.33
N ASP B 44 -22.54 4.25 -28.10
CA ASP B 44 -23.27 4.54 -26.87
C ASP B 44 -24.74 4.27 -27.15
N HIS B 45 -25.31 3.33 -26.40
CA HIS B 45 -26.70 2.96 -26.55
C HIS B 45 -27.61 3.93 -25.82
N GLY B 46 -27.02 4.72 -24.93
CA GLY B 46 -27.79 5.68 -24.15
C GLY B 46 -28.24 5.07 -22.84
N ASP B 47 -29.02 5.81 -22.06
CA ASP B 47 -29.51 5.30 -20.78
C ASP B 47 -30.89 4.67 -20.95
N LEU B 48 -31.10 3.52 -20.31
CA LEU B 48 -32.41 2.86 -20.37
C LEU B 48 -33.37 3.66 -19.49
N ALA B 49 -34.64 3.71 -19.86
CA ALA B 49 -35.63 4.40 -19.05
C ALA B 49 -36.40 3.30 -18.33
N PHE B 50 -36.37 3.31 -17.00
CA PHE B 50 -37.05 2.29 -16.20
C PHE B 50 -38.41 2.73 -15.73
N VAL B 51 -39.42 1.94 -16.07
CA VAL B 51 -40.80 2.23 -15.66
C VAL B 51 -41.03 1.85 -14.20
N ASP B 52 -41.47 2.80 -13.41
CA ASP B 52 -41.70 2.56 -11.98
C ASP B 52 -42.98 1.76 -11.69
N VAL B 53 -42.82 0.66 -10.95
CA VAL B 53 -43.94 -0.20 -10.58
C VAL B 53 -44.73 0.41 -9.43
N PRO B 54 -45.91 0.98 -9.73
CA PRO B 54 -46.69 1.56 -8.64
C PRO B 54 -47.16 0.49 -7.65
N ASN B 55 -47.32 0.88 -6.39
CA ASN B 55 -47.76 -0.01 -5.34
C ASN B 55 -46.84 -1.22 -5.19
N ASP B 56 -45.54 -0.97 -5.21
CA ASP B 56 -44.55 -2.04 -5.08
C ASP B 56 -44.35 -2.40 -3.62
N SER B 57 -45.30 -3.14 -3.05
CA SER B 57 -45.23 -3.55 -1.66
C SER B 57 -44.04 -4.49 -1.45
N PRO B 58 -43.34 -4.34 -0.33
CA PRO B 58 -42.18 -5.21 -0.05
C PRO B 58 -42.58 -6.67 0.15
N PHE B 59 -41.71 -7.58 -0.29
CA PHE B 59 -41.95 -8.99 -0.21
C PHE B 59 -41.25 -9.49 1.07
N GLN B 60 -42.04 -9.71 2.14
CA GLN B 60 -41.52 -10.08 3.40
C GLN B 60 -40.60 -8.95 3.78
N ILE B 61 -39.33 -9.11 3.61
CA ILE B 61 -38.34 -8.06 3.96
C ILE B 61 -37.66 -7.37 2.75
N VAL B 62 -37.84 -7.98 1.60
CA VAL B 62 -37.29 -7.50 0.34
C VAL B 62 -38.07 -6.25 -0.13
N LYS B 63 -37.31 -5.20 -0.43
CA LYS B 63 -37.88 -3.93 -0.87
C LYS B 63 -37.86 -3.73 -2.38
N ASN B 64 -38.87 -3.03 -2.87
CA ASN B 64 -39.01 -2.71 -4.29
C ASN B 64 -38.73 -3.90 -5.19
N PRO B 65 -39.24 -5.08 -4.83
CA PRO B 65 -39.00 -6.27 -5.64
C PRO B 65 -39.41 -6.16 -7.11
N ARG B 66 -40.63 -5.70 -7.36
CA ARG B 66 -41.14 -5.57 -8.73
C ARG B 66 -40.42 -4.53 -9.57
N SER B 67 -40.12 -3.37 -8.99
CA SER B 67 -39.41 -2.34 -9.74
C SER B 67 -38.02 -2.86 -10.13
N VAL B 68 -37.39 -3.58 -9.21
CA VAL B 68 -36.05 -4.15 -9.44
C VAL B 68 -36.09 -5.31 -10.41
N GLY B 69 -37.11 -6.14 -10.28
CA GLY B 69 -37.25 -7.28 -11.17
C GLY B 69 -37.54 -6.86 -12.59
N LYS B 70 -38.33 -5.78 -12.73
CA LYS B 70 -38.69 -5.30 -14.07
C LYS B 70 -37.51 -4.59 -14.73
N ALA B 71 -36.85 -3.70 -14.00
CA ALA B 71 -35.70 -2.98 -14.54
C ALA B 71 -34.64 -3.96 -15.00
N ASN B 72 -34.50 -5.07 -14.28
CA ASN B 72 -33.50 -6.08 -14.62
C ASN B 72 -33.91 -6.97 -15.79
N GLU B 73 -35.21 -7.08 -16.01
CA GLU B 73 -35.73 -7.88 -17.12
C GLU B 73 -35.47 -7.08 -18.38
N GLN B 74 -35.70 -5.78 -18.28
CA GLN B 74 -35.48 -4.88 -19.39
C GLN B 74 -34.00 -4.89 -19.78
N LEU B 75 -33.11 -4.68 -18.80
CA LEU B 75 -31.67 -4.67 -19.06
C LEU B 75 -31.17 -5.98 -19.70
N ALA B 76 -31.64 -7.11 -19.19
CA ALA B 76 -31.25 -8.40 -19.73
C ALA B 76 -31.62 -8.50 -21.20
N ALA B 77 -32.79 -7.97 -21.55
CA ALA B 77 -33.22 -8.00 -22.94
C ALA B 77 -32.18 -7.25 -23.77
N VAL B 78 -31.91 -6.02 -23.39
CA VAL B 78 -30.96 -5.17 -24.10
C VAL B 78 -29.57 -5.80 -24.22
N VAL B 79 -29.06 -6.32 -23.12
CA VAL B 79 -27.72 -6.94 -23.12
C VAL B 79 -27.65 -8.18 -24.01
N ALA B 80 -28.71 -8.97 -24.03
CA ALA B 80 -28.73 -10.16 -24.85
C ALA B 80 -28.64 -9.72 -26.32
N GLU B 81 -29.34 -8.63 -26.61
CA GLU B 81 -29.39 -8.09 -27.96
C GLU B 81 -28.03 -7.70 -28.51
N THR B 82 -27.29 -6.89 -27.75
CA THR B 82 -25.98 -6.45 -28.19
C THR B 82 -24.99 -7.60 -28.20
N GLN B 83 -25.15 -8.54 -27.27
CA GLN B 83 -24.26 -9.69 -27.16
C GLN B 83 -24.44 -10.57 -28.38
N LYS B 84 -25.69 -10.67 -28.81
CA LYS B 84 -26.06 -11.45 -29.97
C LYS B 84 -25.30 -10.94 -31.20
N ASN B 85 -25.22 -9.62 -31.33
CA ASN B 85 -24.52 -8.95 -32.44
C ASN B 85 -23.01 -9.04 -32.29
N GLY B 86 -22.53 -9.87 -31.37
CA GLY B 86 -21.11 -10.01 -31.19
C GLY B 86 -20.35 -8.81 -30.63
N THR B 87 -21.02 -7.95 -29.87
CA THR B 87 -20.35 -6.78 -29.30
C THR B 87 -20.12 -6.99 -27.79
N ILE B 88 -19.17 -6.25 -27.22
CA ILE B 88 -18.90 -6.37 -25.79
C ILE B 88 -19.79 -5.39 -25.06
N SER B 89 -20.57 -5.87 -24.10
CA SER B 89 -21.44 -4.99 -23.36
C SER B 89 -20.79 -4.41 -22.12
N VAL B 90 -21.01 -3.11 -21.91
CA VAL B 90 -20.47 -2.38 -20.79
C VAL B 90 -21.63 -1.66 -20.11
N VAL B 91 -22.04 -2.15 -18.96
CA VAL B 91 -23.14 -1.56 -18.21
C VAL B 91 -22.63 -0.56 -17.16
N LEU B 92 -23.25 0.62 -17.12
CA LEU B 92 -22.89 1.66 -16.17
C LEU B 92 -23.96 1.68 -15.10
N GLY B 93 -23.58 1.33 -13.87
CA GLY B 93 -24.54 1.28 -12.79
C GLY B 93 -24.81 2.62 -12.13
N GLY B 94 -26.08 2.89 -11.85
CA GLY B 94 -26.72 2.55 -10.60
C GLY B 94 -26.13 1.53 -9.64
N ASP B 95 -27.02 0.93 -8.86
CA ASP B 95 -26.62 -0.06 -7.87
C ASP B 95 -26.38 -1.43 -8.48
N HIS B 96 -25.63 -2.23 -7.74
CA HIS B 96 -25.22 -3.56 -8.19
C HIS B 96 -26.28 -4.62 -8.41
N SER B 97 -27.55 -4.30 -8.16
CA SER B 97 -28.60 -5.28 -8.37
C SER B 97 -28.88 -5.48 -9.85
N MET B 98 -28.39 -4.54 -10.67
CA MET B 98 -28.59 -4.59 -12.10
C MET B 98 -27.74 -5.69 -12.72
N ALA B 99 -26.83 -6.25 -11.93
CA ALA B 99 -25.96 -7.33 -12.39
C ALA B 99 -26.82 -8.55 -12.68
N ILE B 100 -28.02 -8.57 -12.12
CA ILE B 100 -28.92 -9.68 -12.36
C ILE B 100 -29.24 -9.69 -13.84
N GLY B 101 -29.76 -8.57 -14.34
CA GLY B 101 -30.10 -8.47 -15.75
C GLY B 101 -28.87 -8.48 -16.66
N SER B 102 -27.80 -7.80 -16.26
CA SER B 102 -26.57 -7.74 -17.05
C SER B 102 -26.01 -9.12 -17.37
N ILE B 103 -25.80 -9.92 -16.32
CA ILE B 103 -25.27 -11.27 -16.46
C ILE B 103 -26.29 -12.22 -17.11
N SER B 104 -27.57 -12.07 -16.75
CA SER B 104 -28.61 -12.92 -17.32
C SER B 104 -28.65 -12.77 -18.84
N GLY B 105 -28.71 -11.54 -19.31
CA GLY B 105 -28.74 -11.29 -20.75
C GLY B 105 -27.52 -11.88 -21.40
N HIS B 106 -26.36 -11.60 -20.80
CA HIS B 106 -25.10 -12.08 -21.32
C HIS B 106 -25.10 -13.60 -21.44
N ALA B 107 -25.49 -14.30 -20.38
CA ALA B 107 -25.51 -15.77 -20.38
C ALA B 107 -26.40 -16.39 -21.45
N ARG B 108 -27.45 -15.69 -21.85
CA ARG B 108 -28.36 -16.19 -22.88
C ARG B 108 -27.60 -16.41 -24.18
N VAL B 109 -26.66 -15.52 -24.48
CA VAL B 109 -25.86 -15.61 -25.69
C VAL B 109 -24.63 -16.46 -25.45
N HIS B 110 -24.02 -16.32 -24.28
CA HIS B 110 -22.84 -17.10 -23.94
C HIS B 110 -23.07 -17.85 -22.64
N PRO B 111 -23.74 -19.01 -22.71
CA PRO B 111 -24.06 -19.86 -21.57
C PRO B 111 -22.87 -20.42 -20.81
N ASP B 112 -21.71 -20.46 -21.45
CA ASP B 112 -20.50 -21.01 -20.82
C ASP B 112 -19.55 -19.95 -20.26
N LEU B 113 -20.08 -18.75 -20.03
CA LEU B 113 -19.27 -17.63 -19.53
C LEU B 113 -18.94 -17.77 -18.06
N CYS B 114 -17.88 -17.09 -17.61
CA CYS B 114 -17.53 -17.12 -16.19
C CYS B 114 -17.57 -15.70 -15.64
N VAL B 115 -17.78 -15.59 -14.32
CA VAL B 115 -17.87 -14.29 -13.67
C VAL B 115 -16.80 -13.96 -12.65
N ILE B 116 -16.12 -12.85 -12.87
CA ILE B 116 -15.12 -12.39 -11.91
C ILE B 116 -15.82 -11.22 -11.20
N TRP B 117 -16.03 -11.38 -9.90
CA TRP B 117 -16.72 -10.39 -9.12
C TRP B 117 -15.80 -9.66 -8.13
N VAL B 118 -15.36 -8.46 -8.52
CA VAL B 118 -14.49 -7.61 -7.72
C VAL B 118 -15.39 -6.83 -6.79
N ASP B 119 -15.41 -7.17 -5.52
CA ASP B 119 -16.30 -6.49 -4.61
C ASP B 119 -15.69 -6.51 -3.21
N ALA B 120 -16.45 -6.07 -2.22
CA ALA B 120 -16.00 -6.05 -0.84
C ALA B 120 -17.07 -6.89 -0.17
N HIS B 121 -18.16 -7.02 -0.91
CA HIS B 121 -19.33 -7.74 -0.47
C HIS B 121 -19.55 -8.86 -1.47
N THR B 122 -20.05 -9.98 -0.98
CA THR B 122 -20.33 -11.14 -1.80
C THR B 122 -21.68 -10.95 -2.53
N ASP B 123 -22.54 -10.10 -1.96
CA ASP B 123 -23.85 -9.83 -2.56
C ASP B 123 -24.56 -11.14 -2.91
N ILE B 124 -24.51 -12.08 -1.98
CA ILE B 124 -25.12 -13.38 -2.20
C ILE B 124 -26.15 -13.72 -1.12
N ASN B 125 -26.74 -12.67 -0.54
CA ASN B 125 -27.78 -12.85 0.47
C ASN B 125 -29.02 -13.32 -0.27
N THR B 126 -29.76 -14.25 0.33
CA THR B 126 -30.99 -14.74 -0.27
C THR B 126 -32.09 -13.94 0.41
N PRO B 127 -33.27 -13.81 -0.23
CA PRO B 127 -34.37 -13.05 0.38
C PRO B 127 -34.61 -13.42 1.85
N LEU B 128 -34.24 -14.64 2.22
CA LEU B 128 -34.42 -15.14 3.58
C LEU B 128 -33.29 -14.75 4.53
N THR B 129 -32.08 -14.57 4.02
CA THR B 129 -30.95 -14.24 4.87
C THR B 129 -30.65 -12.74 5.02
N THR B 130 -31.19 -11.93 4.13
CA THR B 130 -30.93 -10.50 4.22
C THR B 130 -31.38 -9.90 5.56
N SER B 131 -30.59 -8.97 6.09
CA SER B 131 -30.90 -8.30 7.34
C SER B 131 -31.70 -7.07 6.94
N SER B 132 -31.32 -6.51 5.80
CA SER B 132 -32.01 -5.38 5.23
C SER B 132 -32.61 -5.98 3.98
N GLY B 133 -33.71 -5.43 3.49
CA GLY B 133 -34.30 -6.00 2.29
C GLY B 133 -33.72 -5.46 1.01
N ASN B 134 -32.52 -4.90 1.09
CA ASN B 134 -31.87 -4.32 -0.07
C ASN B 134 -31.36 -5.36 -1.05
N LEU B 135 -31.86 -5.27 -2.29
CA LEU B 135 -31.52 -6.23 -3.34
C LEU B 135 -30.13 -6.11 -3.92
N HIS B 136 -29.50 -4.94 -3.83
CA HIS B 136 -28.15 -4.79 -4.35
C HIS B 136 -27.16 -5.77 -3.68
N GLY B 137 -27.57 -6.37 -2.57
CA GLY B 137 -26.70 -7.30 -1.88
C GLY B 137 -27.17 -8.74 -2.02
N GLN B 138 -28.00 -9.00 -3.02
CA GLN B 138 -28.51 -10.34 -3.28
C GLN B 138 -28.42 -10.77 -4.76
N PRO B 139 -27.79 -9.94 -5.62
CA PRO B 139 -27.69 -10.30 -7.05
C PRO B 139 -27.33 -11.76 -7.35
N VAL B 140 -26.16 -12.17 -6.89
CA VAL B 140 -25.65 -13.52 -7.09
C VAL B 140 -26.61 -14.60 -6.61
N ALA B 141 -27.41 -14.30 -5.60
CA ALA B 141 -28.35 -15.29 -5.08
C ALA B 141 -29.34 -15.70 -6.17
N PHE B 142 -29.80 -14.75 -6.97
CA PHE B 142 -30.74 -15.02 -8.05
C PHE B 142 -30.09 -15.63 -9.28
N LEU B 143 -28.76 -15.67 -9.31
CA LEU B 143 -28.07 -16.18 -10.49
C LEU B 143 -27.55 -17.61 -10.34
N LEU B 144 -27.13 -17.97 -9.14
CA LEU B 144 -26.61 -19.30 -8.90
C LEU B 144 -27.64 -20.41 -9.03
N LYS B 145 -27.28 -21.42 -9.83
CA LYS B 145 -28.13 -22.57 -10.05
C LYS B 145 -28.27 -23.30 -8.71
N GLU B 146 -27.16 -23.43 -7.97
CA GLU B 146 -27.14 -24.11 -6.68
C GLU B 146 -28.04 -23.51 -5.61
N LEU B 147 -28.54 -22.30 -5.84
CA LEU B 147 -29.40 -21.63 -4.88
C LEU B 147 -30.84 -21.63 -5.35
N LYS B 148 -31.12 -22.41 -6.39
CA LYS B 148 -32.45 -22.51 -6.95
C LYS B 148 -33.39 -23.25 -5.97
N GLY B 149 -34.55 -22.64 -5.71
CA GLY B 149 -35.50 -23.26 -4.81
C GLY B 149 -35.12 -23.19 -3.35
N LYS B 150 -34.03 -22.50 -3.03
CA LYS B 150 -33.59 -22.36 -1.65
C LYS B 150 -34.21 -21.12 -0.98
N PHE B 151 -35.06 -20.42 -1.73
CA PHE B 151 -35.76 -19.23 -1.24
C PHE B 151 -37.04 -19.00 -2.07
N PRO B 152 -38.11 -18.52 -1.42
CA PRO B 152 -39.37 -18.26 -2.09
C PRO B 152 -39.28 -17.35 -3.31
N ASP B 153 -40.08 -17.64 -4.33
CA ASP B 153 -40.09 -16.84 -5.54
C ASP B 153 -40.49 -15.41 -5.21
N VAL B 154 -39.77 -14.46 -5.78
CA VAL B 154 -40.01 -13.05 -5.53
C VAL B 154 -40.77 -12.40 -6.67
N PRO B 155 -41.70 -11.50 -6.32
CA PRO B 155 -42.52 -10.77 -7.30
C PRO B 155 -41.68 -9.98 -8.30
N GLY B 156 -41.72 -10.38 -9.57
CA GLY B 156 -41.00 -9.68 -10.62
C GLY B 156 -39.73 -10.37 -11.10
N PHE B 157 -39.38 -11.48 -10.48
CA PHE B 157 -38.16 -12.17 -10.87
C PHE B 157 -38.41 -13.52 -11.49
N SER B 158 -39.68 -13.83 -11.78
CA SER B 158 -40.00 -15.11 -12.37
C SER B 158 -39.26 -15.35 -13.67
N TRP B 159 -38.95 -14.29 -14.41
CA TRP B 159 -38.26 -14.39 -15.68
C TRP B 159 -36.81 -14.86 -15.56
N VAL B 160 -36.24 -14.67 -14.37
CA VAL B 160 -34.86 -15.05 -14.13
C VAL B 160 -34.61 -16.55 -14.15
N THR B 161 -33.53 -16.93 -14.81
CA THR B 161 -33.13 -18.33 -14.93
C THR B 161 -31.70 -18.47 -14.46
N PRO B 162 -31.47 -19.15 -13.33
CA PRO B 162 -30.11 -19.33 -12.82
C PRO B 162 -29.17 -19.80 -13.93
N CYS B 163 -28.28 -18.92 -14.39
CA CYS B 163 -27.38 -19.23 -15.48
C CYS B 163 -25.95 -19.72 -15.18
N ILE B 164 -25.41 -19.40 -14.01
CA ILE B 164 -24.07 -19.89 -13.68
C ILE B 164 -24.07 -20.67 -12.38
N SER B 165 -23.09 -21.57 -12.28
CA SER B 165 -22.96 -22.41 -11.09
C SER B 165 -21.82 -21.91 -10.21
N ALA B 166 -21.70 -22.51 -9.03
CA ALA B 166 -20.65 -22.13 -8.07
C ALA B 166 -19.24 -22.24 -8.61
N LYS B 167 -19.04 -23.06 -9.63
CA LYS B 167 -17.73 -23.26 -10.22
C LYS B 167 -17.39 -22.22 -11.27
N ASP B 168 -18.35 -21.38 -11.62
CA ASP B 168 -18.08 -20.39 -12.65
C ASP B 168 -17.88 -18.98 -12.11
N ILE B 169 -17.75 -18.83 -10.79
CA ILE B 169 -17.55 -17.51 -10.23
C ILE B 169 -16.38 -17.43 -9.27
N VAL B 170 -15.71 -16.27 -9.29
CA VAL B 170 -14.58 -16.00 -8.42
C VAL B 170 -14.65 -14.56 -7.88
N TYR B 171 -14.64 -14.44 -6.55
CA TYR B 171 -14.69 -13.14 -5.87
C TYR B 171 -13.31 -12.61 -5.54
N ILE B 172 -13.10 -11.32 -5.74
CA ILE B 172 -11.84 -10.68 -5.39
C ILE B 172 -12.10 -9.36 -4.69
N GLY B 173 -11.52 -9.18 -3.50
CA GLY B 173 -11.68 -7.95 -2.75
C GLY B 173 -12.47 -8.02 -1.45
N LEU B 174 -13.08 -9.18 -1.18
CA LEU B 174 -13.92 -9.41 0.00
C LEU B 174 -13.36 -9.03 1.35
N ARG B 175 -14.20 -8.40 2.17
CA ARG B 175 -13.78 -7.99 3.50
C ARG B 175 -14.93 -7.58 4.39
N ASP B 176 -16.15 -7.71 3.88
CA ASP B 176 -17.35 -7.39 4.66
C ASP B 176 -18.45 -8.41 4.28
N VAL B 177 -18.37 -9.60 4.86
CA VAL B 177 -19.34 -10.64 4.54
C VAL B 177 -20.22 -11.00 5.73
N ASP B 178 -21.54 -11.05 5.50
CA ASP B 178 -22.48 -11.41 6.55
C ASP B 178 -22.38 -12.92 6.89
N PRO B 179 -22.75 -13.29 8.13
CA PRO B 179 -22.69 -14.70 8.54
C PRO B 179 -23.38 -15.62 7.52
N GLY B 180 -24.61 -15.26 7.14
CA GLY B 180 -25.34 -16.06 6.17
C GLY B 180 -24.56 -16.27 4.89
N GLU B 181 -24.12 -15.17 4.30
CA GLU B 181 -23.34 -15.21 3.06
C GLU B 181 -22.09 -16.06 3.19
N HIS B 182 -21.40 -15.94 4.33
CA HIS B 182 -20.18 -16.71 4.52
C HIS B 182 -20.49 -18.19 4.58
N TYR B 183 -21.66 -18.52 5.13
CA TYR B 183 -22.11 -19.90 5.24
C TYR B 183 -22.28 -20.40 3.82
N ILE B 184 -23.06 -19.65 3.04
CA ILE B 184 -23.32 -20.00 1.65
C ILE B 184 -22.05 -20.28 0.83
N ILE B 185 -21.09 -19.34 0.80
CA ILE B 185 -19.90 -19.54 -0.01
C ILE B 185 -19.05 -20.72 0.47
N LYS B 186 -19.04 -20.97 1.77
CA LYS B 186 -18.28 -22.10 2.32
C LYS B 186 -18.98 -23.38 1.90
N THR B 187 -20.29 -23.43 2.13
CA THR B 187 -21.11 -24.60 1.78
C THR B 187 -21.09 -24.96 0.30
N LEU B 188 -21.19 -23.95 -0.57
CA LEU B 188 -21.19 -24.19 -2.01
C LEU B 188 -19.81 -24.31 -2.65
N GLY B 189 -18.75 -24.19 -1.87
CA GLY B 189 -17.41 -24.32 -2.42
C GLY B 189 -16.98 -23.25 -3.42
N ILE B 190 -17.51 -22.04 -3.27
CA ILE B 190 -17.19 -20.92 -4.15
C ILE B 190 -15.74 -20.42 -3.99
N LYS B 191 -15.06 -20.19 -5.10
CA LYS B 191 -13.69 -19.72 -5.05
C LYS B 191 -13.68 -18.21 -4.78
N TYR B 192 -12.80 -17.79 -3.90
CA TYR B 192 -12.71 -16.37 -3.57
C TYR B 192 -11.33 -16.01 -3.10
N PHE B 193 -11.06 -14.72 -3.13
CA PHE B 193 -9.81 -14.17 -2.67
C PHE B 193 -10.24 -12.94 -1.89
N SER B 194 -10.39 -13.10 -0.58
CA SER B 194 -10.77 -11.98 0.27
C SER B 194 -9.48 -11.19 0.42
N MET B 195 -9.55 -10.04 1.09
CA MET B 195 -8.35 -9.25 1.28
C MET B 195 -7.17 -10.06 1.90
N THR B 196 -7.46 -11.01 2.80
CA THR B 196 -6.39 -11.85 3.38
C THR B 196 -5.59 -12.60 2.30
N GLU B 197 -6.29 -13.14 1.31
CA GLU B 197 -5.58 -13.89 0.27
C GLU B 197 -4.81 -12.96 -0.61
N VAL B 198 -5.35 -11.76 -0.79
CA VAL B 198 -4.67 -10.77 -1.61
C VAL B 198 -3.41 -10.36 -0.87
N ASP B 199 -3.53 -10.12 0.44
CA ASP B 199 -2.38 -9.73 1.24
C ASP B 199 -1.32 -10.82 1.21
N LYS B 200 -1.78 -12.03 1.46
CA LYS B 200 -0.89 -13.18 1.48
C LYS B 200 -0.23 -13.48 0.16
N LEU B 201 -1.02 -13.54 -0.91
CA LEU B 201 -0.47 -13.88 -2.21
C LEU B 201 0.09 -12.75 -3.07
N GLY B 202 -0.46 -11.55 -2.93
CA GLY B 202 -0.01 -10.44 -3.77
C GLY B 202 -1.00 -10.47 -4.91
N ILE B 203 -1.31 -9.31 -5.49
CA ILE B 203 -2.31 -9.31 -6.56
C ILE B 203 -1.89 -10.08 -7.84
N GLY B 204 -0.59 -10.28 -8.03
CA GLY B 204 -0.13 -10.97 -9.22
C GLY B 204 -0.50 -12.44 -9.24
N LYS B 205 -0.22 -13.12 -8.12
CA LYS B 205 -0.54 -14.54 -7.98
C LYS B 205 -2.04 -14.77 -7.88
N VAL B 206 -2.77 -13.80 -7.34
CA VAL B 206 -4.21 -13.93 -7.23
C VAL B 206 -4.83 -14.03 -8.62
N MET B 207 -4.38 -13.16 -9.54
CA MET B 207 -4.90 -13.14 -10.89
C MET B 207 -4.52 -14.39 -11.65
N GLU B 208 -3.28 -14.81 -11.46
CA GLU B 208 -2.74 -16.01 -12.06
C GLU B 208 -3.65 -17.20 -11.67
N GLU B 209 -3.95 -17.30 -10.37
CA GLU B 209 -4.81 -18.38 -9.86
C GLU B 209 -6.27 -18.32 -10.31
N THR B 210 -6.84 -17.12 -10.39
CA THR B 210 -8.24 -17.01 -10.80
C THR B 210 -8.43 -17.45 -12.26
N PHE B 211 -7.40 -17.26 -13.08
CA PHE B 211 -7.49 -17.63 -14.49
C PHE B 211 -7.36 -19.14 -14.67
N SER B 212 -6.37 -19.76 -14.02
CA SER B 212 -6.18 -21.19 -14.13
C SER B 212 -7.38 -21.93 -13.52
N TYR B 213 -8.11 -21.27 -12.62
CA TYR B 213 -9.29 -21.88 -12.00
C TYR B 213 -10.52 -21.77 -12.91
N LEU B 214 -10.65 -20.64 -13.60
CA LEU B 214 -11.80 -20.43 -14.49
C LEU B 214 -11.56 -20.74 -15.95
N LEU B 215 -10.30 -20.70 -16.38
CA LEU B 215 -9.96 -20.96 -17.77
C LEU B 215 -8.99 -22.12 -17.94
N GLY B 216 -8.71 -22.81 -16.86
CA GLY B 216 -7.79 -23.94 -16.95
C GLY B 216 -8.22 -24.91 -18.02
N ARG B 217 -9.43 -25.46 -17.89
CA ARG B 217 -9.95 -26.42 -18.86
C ARG B 217 -10.35 -25.83 -20.21
N LYS B 218 -11.39 -25.02 -20.20
CA LYS B 218 -11.91 -24.40 -21.42
C LYS B 218 -11.75 -22.88 -21.37
N LYS B 219 -11.39 -22.28 -22.49
CA LYS B 219 -11.28 -20.83 -22.58
C LYS B 219 -12.72 -20.40 -22.84
N ARG B 220 -13.26 -19.49 -22.03
CA ARG B 220 -14.63 -19.04 -22.24
C ARG B 220 -14.78 -17.53 -22.06
N PRO B 221 -15.96 -16.98 -22.40
CA PRO B 221 -16.15 -15.55 -22.25
C PRO B 221 -16.06 -15.15 -20.79
N ILE B 222 -15.55 -13.95 -20.54
CA ILE B 222 -15.45 -13.46 -19.16
C ILE B 222 -16.40 -12.32 -18.90
N HIS B 223 -17.06 -12.36 -17.75
CA HIS B 223 -17.94 -11.27 -17.37
C HIS B 223 -17.37 -10.66 -16.08
N LEU B 224 -16.88 -9.43 -16.20
CA LEU B 224 -16.33 -8.70 -15.06
C LEU B 224 -17.36 -7.73 -14.46
N SER B 225 -17.85 -8.07 -13.28
CA SER B 225 -18.81 -7.24 -12.55
C SER B 225 -17.99 -6.49 -11.49
N PHE B 226 -17.70 -5.22 -11.75
CA PHE B 226 -16.88 -4.42 -10.85
C PHE B 226 -17.62 -3.44 -9.93
N ASP B 227 -17.65 -3.75 -8.65
CA ASP B 227 -18.29 -2.89 -7.69
C ASP B 227 -17.20 -1.95 -7.19
N VAL B 228 -17.31 -0.68 -7.55
CA VAL B 228 -16.33 0.31 -7.18
C VAL B 228 -15.96 0.33 -5.67
N ASP B 229 -16.78 -0.28 -4.80
CA ASP B 229 -16.40 -0.29 -3.38
C ASP B 229 -15.36 -1.36 -3.08
N GLY B 230 -14.96 -2.08 -4.12
CA GLY B 230 -13.94 -3.09 -3.95
C GLY B 230 -12.59 -2.44 -3.66
N LEU B 231 -12.44 -1.19 -4.06
CA LEU B 231 -11.18 -0.46 -3.83
C LEU B 231 -11.35 0.17 -2.48
N ASP B 232 -10.25 0.59 -1.89
CA ASP B 232 -10.29 1.20 -0.57
C ASP B 232 -10.92 2.58 -0.68
N PRO B 233 -11.71 2.97 0.33
CA PRO B 233 -12.42 4.26 0.41
C PRO B 233 -11.58 5.49 0.03
N VAL B 234 -10.27 5.36 0.15
CA VAL B 234 -9.34 6.40 -0.19
C VAL B 234 -9.25 6.61 -1.71
N PHE B 235 -9.74 5.65 -2.48
CA PHE B 235 -9.68 5.76 -3.92
C PHE B 235 -11.04 5.97 -4.55
N THR B 236 -12.06 5.36 -3.95
CA THR B 236 -13.42 5.44 -4.42
C THR B 236 -14.37 5.72 -3.25
N PRO B 237 -14.25 6.90 -2.62
CA PRO B 237 -15.09 7.27 -1.49
C PRO B 237 -16.56 7.51 -1.79
N ALA B 238 -16.88 7.87 -3.03
CA ALA B 238 -18.28 8.12 -3.38
C ALA B 238 -19.08 6.86 -3.65
N THR B 239 -19.35 6.08 -2.62
CA THR B 239 -20.16 4.86 -2.78
C THR B 239 -20.97 4.65 -1.54
N GLY B 240 -21.99 3.84 -1.64
CA GLY B 240 -22.84 3.60 -0.51
C GLY B 240 -22.27 2.79 0.65
N THR B 241 -21.46 1.78 0.36
CA THR B 241 -20.92 0.93 1.44
C THR B 241 -19.39 0.87 1.47
N PRO B 242 -18.74 1.94 1.92
CA PRO B 242 -17.27 1.91 1.97
C PRO B 242 -16.85 0.89 3.03
N VAL B 243 -15.66 0.33 2.88
CA VAL B 243 -15.16 -0.61 3.89
C VAL B 243 -13.65 -0.44 3.84
N VAL B 244 -13.02 -0.08 4.94
CA VAL B 244 -11.59 0.11 4.90
C VAL B 244 -10.77 -1.19 4.65
N GLY B 245 -9.52 -1.03 4.24
CA GLY B 245 -8.68 -2.18 4.00
C GLY B 245 -8.99 -2.85 2.68
N GLY B 246 -9.16 -2.05 1.62
CA GLY B 246 -9.49 -2.64 0.34
C GLY B 246 -8.41 -2.57 -0.70
N LEU B 247 -8.77 -3.00 -1.90
CA LEU B 247 -7.86 -3.00 -3.01
C LEU B 247 -7.37 -1.58 -3.26
N SER B 248 -6.14 -1.46 -3.74
CA SER B 248 -5.54 -0.18 -4.02
C SER B 248 -5.85 0.21 -5.45
N TYR B 249 -5.58 1.47 -5.78
CA TYR B 249 -5.79 1.94 -7.14
C TYR B 249 -4.94 1.04 -8.04
N ARG B 250 -3.67 0.87 -7.66
CA ARG B 250 -2.75 -0.01 -8.40
C ARG B 250 -3.30 -1.43 -8.59
N GLU B 251 -3.67 -2.10 -7.50
CA GLU B 251 -4.22 -3.45 -7.65
C GLU B 251 -5.42 -3.48 -8.59
N GLY B 252 -6.36 -2.55 -8.40
CA GLY B 252 -7.54 -2.52 -9.25
C GLY B 252 -7.14 -2.50 -10.71
N LEU B 253 -6.24 -1.59 -11.07
CA LEU B 253 -5.79 -1.50 -12.45
C LEU B 253 -5.08 -2.81 -12.86
N TYR B 254 -4.32 -3.41 -11.95
CA TYR B 254 -3.65 -4.64 -12.32
C TYR B 254 -4.66 -5.74 -12.70
N ILE B 255 -5.80 -5.78 -12.00
CA ILE B 255 -6.85 -6.77 -12.29
C ILE B 255 -7.42 -6.52 -13.68
N THR B 256 -7.74 -5.26 -13.96
CA THR B 256 -8.28 -4.93 -15.27
C THR B 256 -7.26 -5.15 -16.39
N GLU B 257 -5.97 -4.87 -16.13
CA GLU B 257 -4.93 -5.05 -17.16
C GLU B 257 -4.78 -6.54 -17.53
N GLU B 258 -4.77 -7.40 -16.52
CA GLU B 258 -4.66 -8.84 -16.75
C GLU B 258 -5.87 -9.39 -17.47
N ILE B 259 -7.04 -8.84 -17.19
CA ILE B 259 -8.24 -9.28 -17.84
C ILE B 259 -8.22 -8.84 -19.28
N TYR B 260 -7.66 -7.66 -19.57
CA TYR B 260 -7.61 -7.21 -20.96
C TYR B 260 -6.74 -8.18 -21.74
N LYS B 261 -5.57 -8.48 -21.20
CA LYS B 261 -4.62 -9.38 -21.83
C LYS B 261 -5.20 -10.76 -22.21
N THR B 262 -6.18 -11.27 -21.46
CA THR B 262 -6.75 -12.57 -21.79
C THR B 262 -7.49 -12.57 -23.13
N GLY B 263 -7.87 -11.39 -23.61
CA GLY B 263 -8.59 -11.30 -24.86
C GLY B 263 -9.99 -11.91 -24.80
N LEU B 264 -10.41 -12.29 -23.60
CA LEU B 264 -11.72 -12.90 -23.43
C LEU B 264 -12.82 -12.03 -22.79
N LEU B 265 -12.54 -10.75 -22.51
CA LEU B 265 -13.57 -9.91 -21.90
C LEU B 265 -14.75 -9.82 -22.83
N SER B 266 -15.92 -10.19 -22.31
CA SER B 266 -17.15 -10.19 -23.09
C SER B 266 -18.26 -9.32 -22.49
N GLY B 267 -18.20 -9.08 -21.17
CA GLY B 267 -19.18 -8.28 -20.48
C GLY B 267 -18.59 -7.55 -19.28
N LEU B 268 -18.95 -6.26 -19.14
CA LEU B 268 -18.41 -5.46 -18.04
C LEU B 268 -19.46 -4.65 -17.29
N ASP B 269 -19.27 -4.55 -15.97
CA ASP B 269 -20.16 -3.79 -15.10
C ASP B 269 -19.34 -2.87 -14.20
N ILE B 270 -19.65 -1.58 -14.26
CA ILE B 270 -18.99 -0.57 -13.44
C ILE B 270 -20.10 -0.04 -12.56
N MET B 271 -20.24 -0.67 -11.39
CA MET B 271 -21.30 -0.36 -10.45
C MET B 271 -21.00 0.40 -9.17
N GLU B 272 -22.10 0.86 -8.57
CA GLU B 272 -22.13 1.60 -7.31
C GLU B 272 -21.46 2.96 -7.24
N VAL B 273 -21.26 3.64 -8.36
CA VAL B 273 -20.68 4.98 -8.30
C VAL B 273 -21.80 5.97 -7.90
N ASN B 274 -21.69 6.54 -6.69
CA ASN B 274 -22.71 7.48 -6.23
C ASN B 274 -22.22 8.91 -6.02
N PRO B 275 -22.30 9.74 -7.08
CA PRO B 275 -21.88 11.14 -7.12
C PRO B 275 -22.38 12.04 -5.99
N THR B 276 -23.50 11.69 -5.37
CA THR B 276 -24.01 12.51 -4.29
C THR B 276 -23.39 12.19 -2.94
N LEU B 277 -22.66 11.08 -2.84
CA LEU B 277 -22.06 10.68 -1.57
C LEU B 277 -20.65 11.21 -1.32
N GLY B 278 -20.16 12.04 -2.21
CA GLY B 278 -18.82 12.58 -2.01
C GLY B 278 -18.86 13.73 -1.01
N LYS B 279 -18.04 13.65 0.04
CA LYS B 279 -17.99 14.71 1.05
C LYS B 279 -17.48 16.01 0.46
N THR B 280 -16.60 15.91 -0.53
CA THR B 280 -16.07 17.09 -1.20
C THR B 280 -16.10 16.83 -2.69
N PRO B 281 -16.23 17.87 -3.49
CA PRO B 281 -16.26 17.63 -4.93
C PRO B 281 -15.11 16.73 -5.36
N GLU B 282 -13.95 16.92 -4.74
CA GLU B 282 -12.77 16.15 -5.07
C GLU B 282 -12.97 14.66 -4.83
N GLU B 283 -13.74 14.31 -3.80
CA GLU B 283 -13.97 12.90 -3.53
C GLU B 283 -14.76 12.29 -4.67
N VAL B 284 -15.72 13.05 -5.21
CA VAL B 284 -16.53 12.55 -6.31
C VAL B 284 -15.68 12.42 -7.57
N THR B 285 -14.82 13.41 -7.79
CA THR B 285 -13.93 13.42 -8.95
C THR B 285 -12.93 12.27 -8.85
N ARG B 286 -12.53 11.96 -7.63
CA ARG B 286 -11.57 10.89 -7.43
C ARG B 286 -12.23 9.60 -7.86
N THR B 287 -13.43 9.39 -7.34
CA THR B 287 -14.17 8.20 -7.64
C THR B 287 -14.48 7.99 -9.12
N VAL B 288 -15.05 9.01 -9.75
CA VAL B 288 -15.39 8.90 -11.16
C VAL B 288 -14.18 8.65 -12.03
N ASN B 289 -13.08 9.33 -11.74
CA ASN B 289 -11.87 9.14 -12.52
C ASN B 289 -11.28 7.74 -12.41
N THR B 290 -11.23 7.17 -11.21
CA THR B 290 -10.63 5.86 -11.12
C THR B 290 -11.56 4.84 -11.77
N ALA B 291 -12.86 5.11 -11.73
CA ALA B 291 -13.84 4.21 -12.34
C ALA B 291 -13.58 4.22 -13.82
N VAL B 292 -13.44 5.42 -14.38
CA VAL B 292 -13.15 5.61 -15.80
C VAL B 292 -11.83 4.94 -16.16
N ALA B 293 -10.80 5.14 -15.34
CA ALA B 293 -9.51 4.50 -15.64
C ALA B 293 -9.63 2.96 -15.70
N LEU B 294 -10.37 2.37 -14.76
CA LEU B 294 -10.53 0.94 -14.74
C LEU B 294 -11.21 0.49 -16.03
N THR B 295 -12.20 1.26 -16.46
CA THR B 295 -12.90 0.89 -17.66
C THR B 295 -11.99 0.93 -18.88
N LEU B 296 -11.16 1.97 -19.01
CA LEU B 296 -10.25 2.03 -20.16
C LEU B 296 -9.16 0.97 -20.09
N SER B 297 -8.82 0.54 -18.88
CA SER B 297 -7.78 -0.46 -18.69
C SER B 297 -8.31 -1.79 -19.20
N CYS B 298 -9.59 -2.05 -18.95
CA CYS B 298 -10.22 -3.26 -19.40
C CYS B 298 -10.14 -3.37 -20.91
N PHE B 299 -10.04 -2.22 -21.57
CA PHE B 299 -10.00 -2.20 -23.03
C PHE B 299 -8.69 -1.78 -23.66
N GLY B 300 -7.57 -2.15 -23.05
CA GLY B 300 -6.31 -1.83 -23.68
C GLY B 300 -5.32 -0.90 -23.02
N THR B 301 -5.81 0.19 -22.43
CA THR B 301 -4.91 1.16 -21.80
C THR B 301 -3.95 0.50 -20.81
N LYS B 302 -2.65 0.61 -21.09
CA LYS B 302 -1.63 0.03 -20.23
C LYS B 302 -0.82 1.13 -19.54
N ARG B 303 -0.32 0.87 -18.34
CA ARG B 303 0.48 1.87 -17.65
C ARG B 303 1.91 1.96 -18.19
N GLU B 304 2.31 0.99 -19.00
CA GLU B 304 3.64 1.03 -19.57
C GLU B 304 3.52 1.92 -20.80
N GLY B 305 2.28 2.15 -21.22
CA GLY B 305 2.05 3.00 -22.37
C GLY B 305 1.38 2.29 -23.53
N ASN B 306 1.02 3.09 -24.54
CA ASN B 306 0.36 2.58 -25.73
C ASN B 306 0.85 3.37 -26.92
N HIS B 307 0.94 2.71 -28.08
CA HIS B 307 1.32 3.35 -29.32
C HIS B 307 0.54 2.67 -30.44
N LYS B 308 0.15 3.43 -31.45
CA LYS B 308 -0.62 2.87 -32.55
C LYS B 308 0.23 2.11 -33.57
N PRO B 309 -0.15 0.85 -33.87
CA PRO B 309 0.56 -0.01 -34.82
C PRO B 309 0.74 0.65 -36.20
N GLU B 310 1.78 0.23 -36.90
CA GLU B 310 2.08 0.74 -38.23
C GLU B 310 2.45 2.22 -38.30
N THR B 311 2.55 2.88 -37.16
CA THR B 311 2.91 4.29 -37.16
C THR B 311 4.37 4.42 -36.70
N ASP B 312 5.24 4.86 -37.60
CA ASP B 312 6.65 5.04 -37.27
C ASP B 312 6.82 6.44 -36.70
N TYR B 313 6.87 6.53 -35.37
CA TYR B 313 6.99 7.81 -34.67
C TYR B 313 8.35 8.49 -34.84
N LEU B 314 9.24 7.84 -35.59
CA LEU B 314 10.56 8.41 -35.85
C LEU B 314 10.71 8.80 -37.32
N LYS C 1 34.70 6.29 1.87
CA LYS C 1 34.31 6.86 0.55
C LYS C 1 33.88 8.31 0.61
N PRO C 2 34.27 9.09 -0.40
CA PRO C 2 33.88 10.50 -0.39
C PRO C 2 32.55 10.75 -1.10
N ILE C 3 31.80 11.73 -0.59
CA ILE C 3 30.53 12.12 -1.16
C ILE C 3 30.61 13.61 -1.45
N GLU C 4 30.12 14.03 -2.61
CA GLU C 4 30.13 15.44 -2.93
C GLU C 4 28.76 15.91 -3.41
N ILE C 5 28.12 16.75 -2.60
CA ILE C 5 26.81 17.30 -2.91
C ILE C 5 26.96 18.46 -3.89
N ILE C 6 26.16 18.43 -4.95
CA ILE C 6 26.19 19.47 -5.96
C ILE C 6 24.77 19.96 -6.19
N GLY C 7 24.53 21.22 -5.86
CA GLY C 7 23.20 21.76 -6.05
C GLY C 7 23.05 22.26 -7.48
N ALA C 8 21.89 22.01 -8.07
CA ALA C 8 21.60 22.45 -9.43
C ALA C 8 20.23 23.12 -9.42
N PRO C 9 20.15 24.32 -8.81
CA PRO C 9 18.89 25.07 -8.73
C PRO C 9 18.50 25.58 -10.12
N PHE C 10 17.95 24.69 -10.93
CA PHE C 10 17.57 25.02 -12.29
C PHE C 10 16.08 24.69 -12.61
N SER C 11 15.45 25.49 -13.46
CA SER C 11 14.04 25.24 -13.76
C SER C 11 13.48 25.55 -15.16
N LYS C 12 14.32 25.75 -16.18
CA LYS C 12 13.79 26.02 -17.52
C LYS C 12 13.48 24.70 -18.25
N GLY C 13 13.71 23.59 -17.56
CA GLY C 13 13.41 22.30 -18.15
C GLY C 13 11.91 22.17 -18.24
N GLN C 14 11.21 22.99 -17.45
CA GLN C 14 9.75 22.97 -17.43
C GLN C 14 9.12 24.32 -17.04
N PRO C 15 7.83 24.51 -17.29
CA PRO C 15 7.09 25.74 -16.99
C PRO C 15 6.84 26.19 -15.54
N ARG C 16 6.68 25.24 -14.62
CA ARG C 16 6.42 25.60 -13.22
C ARG C 16 7.63 26.11 -12.42
N GLY C 17 7.53 27.36 -11.95
CA GLY C 17 8.61 27.92 -11.15
C GLY C 17 8.61 27.31 -9.76
N GLY C 18 9.79 27.04 -9.21
CA GLY C 18 9.86 26.47 -7.88
C GLY C 18 10.97 25.46 -7.68
N VAL C 19 11.07 24.49 -8.59
CA VAL C 19 12.11 23.47 -8.47
C VAL C 19 13.49 23.99 -8.13
N GLU C 20 13.79 25.23 -8.51
CA GLU C 20 15.13 25.75 -8.23
C GLU C 20 15.35 25.94 -6.74
N LYS C 21 14.25 25.91 -5.98
CA LYS C 21 14.33 26.05 -4.53
C LYS C 21 14.54 24.66 -3.91
N GLY C 22 14.58 23.65 -4.77
CA GLY C 22 14.74 22.28 -4.31
C GLY C 22 15.95 22.05 -3.42
N PRO C 23 17.16 22.33 -3.92
CA PRO C 23 18.39 22.15 -3.13
C PRO C 23 18.35 22.86 -1.76
N ALA C 24 17.80 24.07 -1.74
CA ALA C 24 17.72 24.84 -0.50
C ALA C 24 16.90 24.07 0.52
N ALA C 25 15.73 23.61 0.08
CA ALA C 25 14.81 22.86 0.93
C ALA C 25 15.46 21.61 1.49
N LEU C 26 16.13 20.86 0.62
CA LEU C 26 16.78 19.63 1.03
C LEU C 26 17.93 19.90 2.02
N ARG C 27 18.61 21.03 1.87
CA ARG C 27 19.70 21.37 2.79
C ARG C 27 19.08 21.82 4.12
N LYS C 28 18.04 22.68 4.02
CA LYS C 28 17.35 23.20 5.19
C LYS C 28 16.80 22.07 6.06
N ALA C 29 16.57 20.91 5.46
CA ALA C 29 16.04 19.76 6.19
C ALA C 29 17.17 18.98 6.83
N GLY C 30 18.39 19.47 6.69
CA GLY C 30 19.53 18.82 7.29
C GLY C 30 20.12 17.65 6.53
N LEU C 31 19.99 17.66 5.21
CA LEU C 31 20.51 16.57 4.39
C LEU C 31 22.00 16.39 4.61
N VAL C 32 22.75 17.47 4.45
CA VAL C 32 24.19 17.41 4.60
C VAL C 32 24.61 16.88 5.96
N GLU C 33 24.10 17.48 7.03
CA GLU C 33 24.46 17.06 8.39
C GLU C 33 24.12 15.57 8.64
N LYS C 34 22.94 15.15 8.20
CA LYS C 34 22.51 13.77 8.39
C LYS C 34 23.40 12.81 7.62
N LEU C 35 23.94 13.28 6.50
CA LEU C 35 24.81 12.43 5.69
C LEU C 35 26.14 12.22 6.41
N LYS C 36 26.61 13.26 7.09
CA LYS C 36 27.87 13.16 7.79
C LYS C 36 27.82 12.08 8.86
N GLU C 37 26.62 11.80 9.36
CA GLU C 37 26.46 10.79 10.39
C GLU C 37 26.64 9.38 9.87
N THR C 38 26.83 9.23 8.57
CA THR C 38 27.03 7.92 7.99
C THR C 38 28.52 7.65 7.91
N GLU C 39 28.89 6.49 7.39
CA GLU C 39 30.30 6.10 7.26
C GLU C 39 31.00 6.78 6.09
N TYR C 40 30.34 7.76 5.48
CA TYR C 40 30.92 8.45 4.33
C TYR C 40 31.47 9.83 4.67
N ASN C 41 32.48 10.23 3.92
CA ASN C 41 33.07 11.55 4.08
C ASN C 41 32.21 12.44 3.19
N VAL C 42 31.74 13.55 3.72
CA VAL C 42 30.89 14.42 2.92
C VAL C 42 31.45 15.81 2.69
N ARG C 43 31.34 16.27 1.45
CA ARG C 43 31.81 17.61 1.10
C ARG C 43 30.71 18.27 0.28
N ASP C 44 30.25 19.43 0.74
CA ASP C 44 29.20 20.17 0.04
C ASP C 44 29.87 21.17 -0.90
N HIS C 45 29.69 20.97 -2.20
CA HIS C 45 30.28 21.82 -3.24
C HIS C 45 29.53 23.14 -3.37
N GLY C 46 28.33 23.19 -2.82
CA GLY C 46 27.52 24.41 -2.92
C GLY C 46 26.63 24.34 -4.14
N ASP C 47 25.89 25.42 -4.39
CA ASP C 47 24.99 25.49 -5.54
C ASP C 47 25.68 26.15 -6.73
N LEU C 48 25.49 25.57 -7.91
CA LEU C 48 26.08 26.14 -9.12
C LEU C 48 25.27 27.38 -9.48
N ALA C 49 25.96 28.40 -10.03
CA ALA C 49 25.26 29.60 -10.44
C ALA C 49 25.14 29.49 -11.96
N PHE C 50 23.92 29.47 -12.45
CA PHE C 50 23.68 29.33 -13.89
C PHE C 50 23.45 30.68 -14.56
N VAL C 51 24.26 30.93 -15.60
CA VAL C 51 24.15 32.16 -16.38
C VAL C 51 22.98 32.07 -17.36
N ASP C 52 22.06 33.02 -17.25
CA ASP C 52 20.89 33.04 -18.12
C ASP C 52 21.21 33.52 -19.53
N VAL C 53 20.79 32.73 -20.52
CA VAL C 53 21.02 33.05 -21.93
C VAL C 53 19.97 34.04 -22.43
N PRO C 54 20.37 35.31 -22.62
CA PRO C 54 19.42 36.31 -23.10
C PRO C 54 18.97 36.00 -24.52
N ASN C 55 17.71 36.36 -24.82
CA ASN C 55 17.14 36.12 -26.14
C ASN C 55 17.16 34.64 -26.50
N ASP C 56 16.73 33.79 -25.56
CA ASP C 56 16.71 32.34 -25.79
C ASP C 56 15.43 31.94 -26.52
N SER C 57 15.38 32.19 -27.83
CA SER C 57 14.20 31.88 -28.63
C SER C 57 13.99 30.36 -28.70
N PRO C 58 12.73 29.91 -28.66
CA PRO C 58 12.39 28.48 -28.73
C PRO C 58 12.86 27.84 -30.03
N PHE C 59 13.25 26.57 -29.95
CA PHE C 59 13.71 25.84 -31.12
C PHE C 59 12.55 24.97 -31.57
N GLN C 60 11.84 25.41 -32.60
CA GLN C 60 10.65 24.79 -33.05
C GLN C 60 9.71 24.84 -31.88
N ILE C 61 9.54 23.76 -31.17
CA ILE C 61 8.64 23.69 -30.00
C ILE C 61 9.38 23.63 -28.65
N VAL C 62 10.68 23.34 -28.72
CA VAL C 62 11.54 23.25 -27.56
C VAL C 62 11.74 24.66 -26.93
N LYS C 63 11.56 24.73 -25.62
CA LYS C 63 11.70 26.00 -24.89
C LYS C 63 13.03 26.11 -24.13
N ASN C 64 13.53 27.35 -24.03
CA ASN C 64 14.78 27.66 -23.34
C ASN C 64 15.90 26.67 -23.64
N PRO C 65 16.07 26.29 -24.93
CA PRO C 65 17.12 25.34 -25.31
C PRO C 65 18.53 25.71 -24.88
N ARG C 66 18.93 26.95 -25.16
CA ARG C 66 20.26 27.43 -24.82
C ARG C 66 20.54 27.52 -23.32
N SER C 67 19.58 28.05 -22.57
CA SER C 67 19.77 28.18 -21.13
C SER C 67 19.93 26.79 -20.50
N VAL C 68 19.16 25.84 -21.02
CA VAL C 68 19.18 24.46 -20.54
C VAL C 68 20.45 23.74 -20.99
N GLY C 69 20.85 24.01 -22.22
CA GLY C 69 22.05 23.38 -22.74
C GLY C 69 23.30 23.88 -22.05
N LYS C 70 23.30 25.16 -21.72
CA LYS C 70 24.46 25.75 -21.05
C LYS C 70 24.55 25.30 -19.60
N ALA C 71 23.43 25.39 -18.89
CA ALA C 71 23.39 24.96 -17.48
C ALA C 71 23.82 23.50 -17.37
N ASN C 72 23.52 22.70 -18.38
CA ASN C 72 23.89 21.30 -18.36
C ASN C 72 25.33 21.05 -18.74
N GLU C 73 25.90 21.97 -19.53
CA GLU C 73 27.30 21.85 -19.94
C GLU C 73 28.14 22.16 -18.72
N GLN C 74 27.68 23.15 -17.96
CA GLN C 74 28.37 23.56 -16.75
C GLN C 74 28.36 22.41 -15.75
N LEU C 75 27.18 21.87 -15.45
CA LEU C 75 27.03 20.76 -14.51
C LEU C 75 27.89 19.56 -14.88
N ALA C 76 27.90 19.19 -16.16
CA ALA C 76 28.69 18.06 -16.62
C ALA C 76 30.15 18.27 -16.30
N ALA C 77 30.61 19.51 -16.45
CA ALA C 77 32.01 19.82 -16.17
C ALA C 77 32.30 19.48 -14.72
N VAL C 78 31.51 20.08 -13.83
CA VAL C 78 31.66 19.89 -12.39
C VAL C 78 31.61 18.41 -12.00
N VAL C 79 30.60 17.69 -12.48
CA VAL C 79 30.47 16.27 -12.13
C VAL C 79 31.66 15.43 -12.58
N ALA C 80 32.16 15.70 -13.78
CA ALA C 80 33.30 14.97 -14.31
C ALA C 80 34.48 15.18 -13.36
N GLU C 81 34.57 16.40 -12.87
CA GLU C 81 35.66 16.80 -11.96
C GLU C 81 35.69 15.98 -10.67
N THR C 82 34.59 15.99 -9.93
CA THR C 82 34.49 15.24 -8.69
C THR C 82 34.58 13.73 -8.93
N GLN C 83 34.04 13.28 -10.07
CA GLN C 83 34.08 11.85 -10.43
C GLN C 83 35.53 11.43 -10.68
N LYS C 84 36.27 12.35 -11.31
CA LYS C 84 37.67 12.13 -11.64
C LYS C 84 38.43 11.85 -10.39
N ASN C 85 38.25 12.67 -9.35
CA ASN C 85 39.01 12.33 -8.16
C ASN C 85 38.40 11.32 -7.21
N GLY C 86 37.73 10.34 -7.83
CA GLY C 86 37.13 9.22 -7.13
C GLY C 86 36.05 9.42 -6.08
N THR C 87 35.23 10.48 -6.22
CA THR C 87 34.18 10.71 -5.24
C THR C 87 32.81 10.40 -5.86
N ILE C 88 31.81 10.13 -5.02
CA ILE C 88 30.46 9.84 -5.51
C ILE C 88 29.70 11.16 -5.66
N SER C 89 29.15 11.40 -6.84
CA SER C 89 28.44 12.65 -7.04
C SER C 89 26.96 12.52 -6.72
N VAL C 90 26.45 13.53 -6.02
CA VAL C 90 25.05 13.60 -5.62
C VAL C 90 24.53 14.95 -6.05
N VAL C 91 23.71 14.96 -7.10
CA VAL C 91 23.14 16.20 -7.62
C VAL C 91 21.74 16.44 -7.05
N LEU C 92 21.49 17.68 -6.63
CA LEU C 92 20.22 18.07 -6.05
C LEU C 92 19.48 18.91 -7.09
N GLY C 93 18.38 18.36 -7.63
CA GLY C 93 17.62 19.08 -8.65
C GLY C 93 16.71 20.15 -8.09
N GLY C 94 16.67 21.30 -8.76
CA GLY C 94 15.74 21.57 -9.84
C GLY C 94 15.10 20.45 -10.63
N ASP C 95 14.73 20.76 -11.87
CA ASP C 95 14.07 19.83 -12.75
C ASP C 95 14.98 18.78 -13.36
N HIS C 96 14.39 17.65 -13.67
CA HIS C 96 15.10 16.50 -14.21
C HIS C 96 15.89 16.67 -15.51
N SER C 97 15.86 17.85 -16.11
CA SER C 97 16.60 18.03 -17.36
C SER C 97 18.11 18.09 -17.11
N MET C 98 18.48 18.34 -15.85
CA MET C 98 19.87 18.44 -15.41
C MET C 98 20.54 17.08 -15.44
N ALA C 99 19.74 16.04 -15.65
CA ALA C 99 20.27 14.68 -15.70
C ALA C 99 21.13 14.55 -16.95
N ILE C 100 20.94 15.45 -17.89
CA ILE C 100 21.74 15.42 -19.11
C ILE C 100 23.18 15.70 -18.72
N GLY C 101 23.39 16.79 -17.98
CA GLY C 101 24.73 17.13 -17.54
C GLY C 101 25.28 16.13 -16.52
N SER C 102 24.48 15.82 -15.52
CA SER C 102 24.86 14.88 -14.47
C SER C 102 25.41 13.55 -15.01
N ILE C 103 24.62 12.89 -15.85
CA ILE C 103 25.04 11.61 -16.42
C ILE C 103 26.17 11.79 -17.44
N SER C 104 26.13 12.86 -18.24
CA SER C 104 27.19 13.10 -19.22
C SER C 104 28.54 13.19 -18.51
N GLY C 105 28.61 14.08 -17.52
CA GLY C 105 29.84 14.26 -16.77
C GLY C 105 30.31 12.94 -16.20
N HIS C 106 29.39 12.23 -15.57
CA HIS C 106 29.71 10.93 -14.97
C HIS C 106 30.29 9.98 -16.00
N ALA C 107 29.62 9.83 -17.14
CA ALA C 107 30.08 8.91 -18.18
C ALA C 107 31.48 9.20 -18.72
N ARG C 108 31.91 10.45 -18.65
CA ARG C 108 33.24 10.82 -19.12
C ARG C 108 34.30 10.06 -18.32
N VAL C 109 34.10 9.99 -17.01
CA VAL C 109 35.03 9.28 -16.12
C VAL C 109 34.76 7.77 -16.10
N HIS C 110 33.48 7.40 -16.15
CA HIS C 110 33.08 6.00 -16.14
C HIS C 110 32.17 5.72 -17.34
N PRO C 111 32.78 5.45 -18.49
CA PRO C 111 32.06 5.16 -19.74
C PRO C 111 31.23 3.87 -19.73
N ASP C 112 31.56 2.94 -18.85
CA ASP C 112 30.83 1.67 -18.78
C ASP C 112 29.76 1.64 -17.67
N LEU C 113 29.31 2.82 -17.25
CA LEU C 113 28.31 2.90 -16.19
C LEU C 113 26.91 2.56 -16.71
N CYS C 114 26.01 2.20 -15.80
CA CYS C 114 24.63 1.91 -16.18
C CYS C 114 23.69 2.86 -15.41
N VAL C 115 22.50 3.07 -15.97
CA VAL C 115 21.53 3.98 -15.35
C VAL C 115 20.19 3.36 -14.89
N ILE C 116 19.88 3.55 -13.61
CA ILE C 116 18.61 3.07 -13.09
C ILE C 116 17.76 4.36 -12.98
N TRP C 117 16.67 4.38 -13.72
CA TRP C 117 15.82 5.56 -13.75
C TRP C 117 14.47 5.36 -13.08
N VAL C 118 14.38 5.79 -11.83
CA VAL C 118 13.15 5.67 -11.05
C VAL C 118 12.30 6.89 -11.36
N ASP C 119 11.25 6.70 -12.16
CA ASP C 119 10.43 7.83 -12.54
C ASP C 119 9.02 7.33 -12.78
N ALA C 120 8.13 8.24 -13.10
CA ALA C 120 6.75 7.88 -13.41
C ALA C 120 6.68 8.12 -14.91
N HIS C 121 7.67 8.87 -15.39
CA HIS C 121 7.79 9.24 -16.79
C HIS C 121 9.11 8.70 -17.34
N THR C 122 9.11 8.38 -18.63
CA THR C 122 10.31 7.88 -19.28
C THR C 122 11.25 9.03 -19.66
N ASP C 123 10.69 10.24 -19.79
CA ASP C 123 11.48 11.45 -20.14
C ASP C 123 12.36 11.17 -21.35
N ILE C 124 11.79 10.52 -22.35
CA ILE C 124 12.55 10.16 -23.52
C ILE C 124 11.96 10.75 -24.79
N ASN C 125 11.26 11.86 -24.64
CA ASN C 125 10.67 12.53 -25.80
C ASN C 125 11.83 13.17 -26.56
N THR C 126 11.74 13.15 -27.89
CA THR C 126 12.75 13.80 -28.72
C THR C 126 12.12 15.15 -29.08
N PRO C 127 12.95 16.14 -29.42
CA PRO C 127 12.48 17.48 -29.78
C PRO C 127 11.32 17.43 -30.79
N LEU C 128 11.26 16.34 -31.55
CA LEU C 128 10.21 16.18 -32.56
C LEU C 128 8.90 15.58 -31.99
N THR C 129 9.01 14.73 -30.97
CA THR C 129 7.83 14.10 -30.41
C THR C 129 7.15 14.83 -29.26
N THR C 130 7.88 15.73 -28.59
CA THR C 130 7.31 16.46 -27.48
C THR C 130 6.04 17.20 -27.86
N SER C 131 5.05 17.16 -26.97
CA SER C 131 3.78 17.85 -27.19
C SER C 131 4.00 19.25 -26.63
N SER C 132 4.79 19.31 -25.57
CA SER C 132 5.14 20.57 -24.94
C SER C 132 6.63 20.63 -25.23
N GLY C 133 7.19 21.82 -25.32
CA GLY C 133 8.61 21.89 -25.59
C GLY C 133 9.47 21.76 -24.35
N ASN C 134 8.87 21.28 -23.26
CA ASN C 134 9.59 21.15 -22.01
C ASN C 134 10.69 20.09 -22.08
N LEU C 135 11.91 20.50 -21.76
CA LEU C 135 13.06 19.61 -21.82
C LEU C 135 13.20 18.61 -20.69
N HIS C 136 12.58 18.88 -19.55
CA HIS C 136 12.68 17.95 -18.41
C HIS C 136 12.09 16.60 -18.79
N GLY C 137 11.40 16.56 -19.92
CA GLY C 137 10.81 15.32 -20.36
C GLY C 137 11.53 14.72 -21.54
N GLN C 138 12.74 15.22 -21.79
CA GLN C 138 13.53 14.73 -22.93
C GLN C 138 14.97 14.35 -22.57
N PRO C 139 15.37 14.43 -21.29
CA PRO C 139 16.75 14.08 -20.93
C PRO C 139 17.37 12.87 -21.63
N VAL C 140 16.75 11.71 -21.43
CA VAL C 140 17.22 10.46 -22.00
C VAL C 140 17.39 10.49 -23.52
N ALA C 141 16.59 11.32 -24.18
CA ALA C 141 16.67 11.39 -25.64
C ALA C 141 18.04 11.91 -26.06
N PHE C 142 18.56 12.87 -25.29
CA PHE C 142 19.87 13.45 -25.59
C PHE C 142 21.04 12.57 -25.18
N LEU C 143 20.78 11.53 -24.40
CA LEU C 143 21.84 10.65 -23.92
C LEU C 143 21.99 9.35 -24.69
N LEU C 144 20.88 8.79 -25.16
CA LEU C 144 20.95 7.53 -25.90
C LEU C 144 21.67 7.62 -27.25
N LYS C 145 22.58 6.67 -27.44
CA LYS C 145 23.35 6.58 -28.67
C LYS C 145 22.40 6.21 -29.81
N GLU C 146 21.48 5.29 -29.54
CA GLU C 146 20.52 4.83 -30.54
C GLU C 146 19.59 5.91 -31.06
N LEU C 147 19.55 7.04 -30.38
CA LEU C 147 18.68 8.15 -30.78
C LEU C 147 19.47 9.29 -31.44
N LYS C 148 20.74 9.02 -31.72
CA LYS C 148 21.65 9.97 -32.36
C LYS C 148 21.21 10.23 -33.80
N GLY C 149 21.03 11.50 -34.14
CA GLY C 149 20.63 11.85 -35.50
C GLY C 149 19.18 11.59 -35.83
N LYS C 150 18.39 11.20 -34.83
CA LYS C 150 16.97 10.93 -35.04
C LYS C 150 16.15 12.19 -34.79
N PHE C 151 16.82 13.28 -34.52
CA PHE C 151 16.18 14.57 -34.29
C PHE C 151 17.19 15.69 -34.54
N PRO C 152 16.73 16.83 -35.07
CA PRO C 152 17.61 17.97 -35.36
C PRO C 152 18.43 18.48 -34.16
N ASP C 153 19.66 18.90 -34.43
CA ASP C 153 20.54 19.42 -33.40
C ASP C 153 19.85 20.64 -32.78
N VAL C 154 19.96 20.72 -31.45
CA VAL C 154 19.34 21.81 -30.70
C VAL C 154 20.38 22.83 -30.24
N PRO C 155 20.02 24.12 -30.27
CA PRO C 155 20.91 25.20 -29.85
C PRO C 155 21.37 25.07 -28.40
N GLY C 156 22.67 24.86 -28.21
CA GLY C 156 23.21 24.74 -26.87
C GLY C 156 23.54 23.33 -26.41
N PHE C 157 23.23 22.33 -27.24
CA PHE C 157 23.48 20.95 -26.86
C PHE C 157 24.54 20.27 -27.71
N SER C 158 25.23 21.05 -28.53
CA SER C 158 26.26 20.50 -29.40
C SER C 158 27.35 19.77 -28.62
N TRP C 159 27.61 20.22 -27.40
CA TRP C 159 28.64 19.62 -26.55
C TRP C 159 28.27 18.19 -26.10
N VAL C 160 26.98 17.88 -26.11
CA VAL C 160 26.53 16.57 -25.67
C VAL C 160 26.97 15.42 -26.58
N THR C 161 27.36 14.32 -25.94
CA THR C 161 27.82 13.13 -26.62
C THR C 161 27.03 11.95 -26.05
N PRO C 162 26.17 11.33 -26.88
CA PRO C 162 25.40 10.18 -26.38
C PRO C 162 26.37 9.18 -25.76
N CYS C 163 26.26 9.04 -24.44
CA CYS C 163 27.14 8.16 -23.68
C CYS C 163 26.64 6.75 -23.33
N ILE C 164 25.34 6.54 -23.22
CA ILE C 164 24.84 5.19 -22.89
C ILE C 164 23.89 4.67 -23.96
N SER C 165 23.86 3.35 -24.09
CA SER C 165 22.98 2.73 -25.09
C SER C 165 21.71 2.19 -24.42
N ALA C 166 20.81 1.68 -25.24
CA ALA C 166 19.54 1.13 -24.76
C ALA C 166 19.71 -0.03 -23.77
N LYS C 167 20.84 -0.71 -23.86
CA LYS C 167 21.11 -1.84 -22.98
C LYS C 167 21.63 -1.46 -21.63
N ASP C 168 21.95 -0.18 -21.44
CA ASP C 168 22.50 0.25 -20.16
C ASP C 168 21.53 0.98 -19.26
N ILE C 169 20.26 1.02 -19.63
CA ILE C 169 19.29 1.72 -18.80
C ILE C 169 18.10 0.84 -18.44
N VAL C 170 17.54 1.10 -17.26
CA VAL C 170 16.39 0.37 -16.75
C VAL C 170 15.45 1.31 -16.00
N TYR C 171 14.19 1.35 -16.43
CA TYR C 171 13.17 2.22 -15.81
C TYR C 171 12.36 1.47 -14.76
N ILE C 172 12.06 2.18 -13.66
CA ILE C 172 11.24 1.61 -12.59
C ILE C 172 10.26 2.66 -12.07
N GLY C 173 8.96 2.31 -12.10
CA GLY C 173 7.93 3.20 -11.59
C GLY C 173 6.99 3.77 -12.62
N LEU C 174 7.26 3.52 -13.91
CA LEU C 174 6.48 4.05 -15.03
C LEU C 174 4.96 3.86 -14.97
N ARG C 175 4.24 4.90 -15.36
CA ARG C 175 2.78 4.88 -15.37
C ARG C 175 2.14 6.06 -16.12
N ASP C 176 2.96 6.89 -16.76
CA ASP C 176 2.46 8.02 -17.54
C ASP C 176 3.40 8.23 -18.73
N VAL C 177 3.25 7.40 -19.74
CA VAL C 177 4.12 7.47 -20.93
C VAL C 177 3.39 7.88 -22.19
N ASP C 178 3.93 8.87 -22.89
CA ASP C 178 3.32 9.36 -24.13
C ASP C 178 3.43 8.31 -25.28
N PRO C 179 2.46 8.33 -26.21
CA PRO C 179 2.50 7.38 -27.33
C PRO C 179 3.88 7.31 -27.98
N GLY C 180 4.43 8.48 -28.31
CA GLY C 180 5.75 8.55 -28.92
C GLY C 180 6.79 7.84 -28.07
N GLU C 181 6.92 8.25 -26.80
CA GLU C 181 7.88 7.62 -25.89
C GLU C 181 7.70 6.10 -25.84
N HIS C 182 6.46 5.65 -25.75
CA HIS C 182 6.21 4.22 -25.67
C HIS C 182 6.70 3.55 -26.94
N TYR C 183 6.57 4.24 -28.06
CA TYR C 183 7.02 3.69 -29.34
C TYR C 183 8.52 3.49 -29.22
N ILE C 184 9.20 4.57 -28.82
CA ILE C 184 10.63 4.55 -28.68
C ILE C 184 11.17 3.41 -27.81
N ILE C 185 10.65 3.27 -26.58
CA ILE C 185 11.15 2.21 -25.71
C ILE C 185 10.86 0.80 -26.25
N LYS C 186 9.72 0.63 -26.90
CA LYS C 186 9.38 -0.68 -27.46
C LYS C 186 10.31 -0.97 -28.62
N THR C 187 10.49 0.03 -29.49
CA THR C 187 11.34 -0.10 -30.67
C THR C 187 12.81 -0.36 -30.33
N LEU C 188 13.33 0.35 -29.32
CA LEU C 188 14.73 0.20 -28.95
C LEU C 188 15.04 -0.95 -27.97
N GLY C 189 14.01 -1.68 -27.54
CA GLY C 189 14.22 -2.81 -26.62
C GLY C 189 14.68 -2.46 -25.21
N ILE C 190 14.33 -1.26 -24.74
CA ILE C 190 14.72 -0.80 -23.40
C ILE C 190 14.04 -1.57 -22.27
N LYS C 191 14.83 -1.95 -21.27
CA LYS C 191 14.27 -2.69 -20.14
C LYS C 191 13.55 -1.75 -19.17
N TYR C 192 12.35 -2.15 -18.76
CA TYR C 192 11.57 -1.33 -17.85
C TYR C 192 10.66 -2.15 -16.96
N PHE C 193 10.28 -1.53 -15.85
CA PHE C 193 9.37 -2.12 -14.88
C PHE C 193 8.34 -1.01 -14.56
N SER C 194 7.25 -1.03 -15.32
CA SER C 194 6.19 -0.06 -15.11
C SER C 194 5.48 -0.51 -13.84
N MET C 195 4.53 0.28 -13.35
CA MET C 195 3.81 -0.15 -12.15
C MET C 195 3.17 -1.53 -12.30
N THR C 196 2.79 -1.93 -13.51
CA THR C 196 2.17 -3.26 -13.67
C THR C 196 3.14 -4.41 -13.34
N GLU C 197 4.40 -4.26 -13.73
CA GLU C 197 5.44 -5.25 -13.45
C GLU C 197 5.78 -5.24 -11.97
N VAL C 198 5.72 -4.06 -11.36
CA VAL C 198 5.99 -3.94 -9.93
C VAL C 198 4.86 -4.64 -9.19
N ASP C 199 3.62 -4.35 -9.57
CA ASP C 199 2.48 -4.97 -8.92
C ASP C 199 2.55 -6.47 -9.07
N LYS C 200 2.86 -6.91 -10.29
CA LYS C 200 2.95 -8.31 -10.61
C LYS C 200 4.09 -9.06 -9.93
N LEU C 201 5.28 -8.48 -9.96
CA LEU C 201 6.44 -9.13 -9.37
C LEU C 201 6.74 -8.84 -7.89
N GLY C 202 6.37 -7.65 -7.42
CA GLY C 202 6.68 -7.28 -6.05
C GLY C 202 7.98 -6.51 -6.17
N ILE C 203 8.30 -5.64 -5.22
CA ILE C 203 9.50 -4.85 -5.36
C ILE C 203 10.78 -5.63 -5.14
N GLY C 204 10.66 -6.82 -4.56
CA GLY C 204 11.84 -7.62 -4.32
C GLY C 204 12.39 -8.20 -5.60
N LYS C 205 11.53 -8.88 -6.35
CA LYS C 205 11.94 -9.50 -7.60
C LYS C 205 12.33 -8.48 -8.67
N VAL C 206 11.69 -7.32 -8.66
CA VAL C 206 12.01 -6.30 -9.64
C VAL C 206 13.48 -5.89 -9.51
N MET C 207 13.93 -5.65 -8.29
CA MET C 207 15.32 -5.23 -8.07
C MET C 207 16.29 -6.36 -8.43
N GLU C 208 15.90 -7.57 -8.06
CA GLU C 208 16.69 -8.76 -8.34
C GLU C 208 16.92 -8.83 -9.86
N GLU C 209 15.87 -8.61 -10.64
CA GLU C 209 15.98 -8.68 -12.09
C GLU C 209 16.74 -7.52 -12.73
N THR C 210 16.61 -6.33 -12.16
CA THR C 210 17.29 -5.17 -12.73
C THR C 210 18.79 -5.28 -12.57
N PHE C 211 19.20 -5.99 -11.53
CA PHE C 211 20.63 -6.16 -11.30
C PHE C 211 21.18 -7.23 -12.23
N SER C 212 20.53 -8.38 -12.31
CA SER C 212 21.02 -9.44 -13.18
C SER C 212 21.00 -9.01 -14.65
N TYR C 213 20.25 -7.96 -14.95
CA TYR C 213 20.15 -7.45 -16.32
C TYR C 213 21.27 -6.47 -16.61
N LEU C 214 21.57 -5.64 -15.63
CA LEU C 214 22.59 -4.61 -15.80
C LEU C 214 23.99 -4.99 -15.28
N LEU C 215 24.05 -5.94 -14.35
CA LEU C 215 25.31 -6.35 -13.77
C LEU C 215 25.60 -7.83 -13.95
N GLY C 216 24.73 -8.52 -14.68
CA GLY C 216 24.93 -9.94 -14.92
C GLY C 216 26.33 -10.26 -15.41
N ARG C 217 26.69 -9.70 -16.56
CA ARG C 217 28.00 -9.93 -17.16
C ARG C 217 29.14 -9.21 -16.42
N LYS C 218 29.13 -7.88 -16.51
CA LYS C 218 30.17 -7.05 -15.88
C LYS C 218 29.62 -6.21 -14.73
N LYS C 219 30.39 -6.11 -13.65
CA LYS C 219 29.99 -5.27 -12.53
C LYS C 219 30.45 -3.90 -12.97
N ARG C 220 29.57 -2.90 -12.94
CA ARG C 220 29.98 -1.56 -13.35
C ARG C 220 29.39 -0.47 -12.47
N PRO C 221 29.85 0.78 -12.63
CA PRO C 221 29.31 1.86 -11.80
C PRO C 221 27.82 2.03 -12.04
N ILE C 222 27.10 2.47 -11.00
CA ILE C 222 25.65 2.67 -11.12
C ILE C 222 25.26 4.13 -10.97
N HIS C 223 24.46 4.64 -11.90
CA HIS C 223 24.00 6.03 -11.80
C HIS C 223 22.50 6.02 -11.54
N LEU C 224 22.11 6.38 -10.33
CA LEU C 224 20.71 6.39 -9.98
C LEU C 224 20.15 7.82 -10.14
N SER C 225 19.23 7.98 -11.09
CA SER C 225 18.59 9.27 -11.34
C SER C 225 17.16 9.11 -10.79
N PHE C 226 16.93 9.68 -9.61
CA PHE C 226 15.65 9.54 -8.95
C PHE C 226 14.73 10.73 -9.06
N ASP C 227 13.64 10.55 -9.80
CA ASP C 227 12.65 11.61 -9.94
C ASP C 227 11.66 11.35 -8.82
N VAL C 228 11.54 12.30 -7.92
CA VAL C 228 10.65 12.17 -6.77
C VAL C 228 9.19 11.89 -7.15
N ASP C 229 8.80 12.13 -8.40
CA ASP C 229 7.42 11.84 -8.76
C ASP C 229 7.21 10.35 -9.03
N GLY C 230 8.27 9.57 -8.90
CA GLY C 230 8.13 8.14 -9.10
C GLY C 230 7.36 7.50 -7.94
N LEU C 231 7.28 8.19 -6.80
CA LEU C 231 6.56 7.69 -5.65
C LEU C 231 5.18 8.23 -5.86
N ASP C 232 4.22 7.68 -5.14
CA ASP C 232 2.85 8.11 -5.26
C ASP C 232 2.70 9.53 -4.65
N PRO C 233 1.81 10.36 -5.22
CA PRO C 233 1.56 11.73 -4.77
C PRO C 233 1.29 11.88 -3.27
N VAL C 234 0.93 10.77 -2.63
CA VAL C 234 0.63 10.71 -1.20
C VAL C 234 1.92 10.83 -0.38
N PHE C 235 3.04 10.49 -1.00
CA PHE C 235 4.32 10.54 -0.32
C PHE C 235 5.17 11.74 -0.72
N THR C 236 5.09 12.09 -2.00
CA THR C 236 5.84 13.19 -2.56
C THR C 236 4.95 14.12 -3.35
N PRO C 237 3.93 14.71 -2.72
CA PRO C 237 3.00 15.63 -3.40
C PRO C 237 3.58 16.90 -3.98
N ALA C 238 4.68 17.39 -3.41
CA ALA C 238 5.31 18.63 -3.89
C ALA C 238 6.19 18.49 -5.15
N THR C 239 5.56 18.16 -6.28
CA THR C 239 6.27 18.04 -7.56
C THR C 239 5.38 18.55 -8.66
N GLY C 240 5.99 18.81 -9.81
CA GLY C 240 5.21 19.29 -10.93
C GLY C 240 4.24 18.33 -11.59
N THR C 241 4.68 17.07 -11.77
CA THR C 241 3.80 16.10 -12.47
C THR C 241 3.31 14.86 -11.70
N PRO C 242 2.45 15.02 -10.71
CA PRO C 242 1.85 13.93 -9.90
C PRO C 242 1.18 12.88 -10.74
N VAL C 243 1.19 11.67 -10.27
CA VAL C 243 0.50 10.61 -11.04
C VAL C 243 0.14 9.56 -10.05
N VAL C 244 -1.16 9.38 -9.84
CA VAL C 244 -1.60 8.41 -8.86
C VAL C 244 -1.10 6.98 -9.26
N GLY C 245 -1.13 6.05 -8.31
CA GLY C 245 -0.69 4.68 -8.54
C GLY C 245 0.79 4.48 -8.64
N GLY C 246 1.55 5.06 -7.73
CA GLY C 246 3.01 4.98 -7.82
C GLY C 246 3.67 4.22 -6.70
N LEU C 247 5.00 4.18 -6.75
CA LEU C 247 5.77 3.47 -5.73
C LEU C 247 5.43 4.04 -4.38
N SER C 248 5.40 3.16 -3.38
CA SER C 248 5.09 3.56 -2.01
C SER C 248 6.39 4.04 -1.38
N TYR C 249 6.27 4.69 -0.22
CA TYR C 249 7.44 5.18 0.51
C TYR C 249 8.31 3.94 0.77
N ARG C 250 7.68 2.87 1.23
CA ARG C 250 8.38 1.61 1.50
C ARG C 250 9.14 1.13 0.27
N GLU C 251 8.45 1.00 -0.86
CA GLU C 251 9.14 0.52 -2.05
C GLU C 251 10.32 1.41 -2.47
N GLY C 252 10.15 2.72 -2.30
CA GLY C 252 11.21 3.64 -2.66
C GLY C 252 12.49 3.34 -1.89
N LEU C 253 12.33 3.16 -0.58
CA LEU C 253 13.46 2.88 0.28
C LEU C 253 14.01 1.50 -0.07
N TYR C 254 13.14 0.56 -0.42
CA TYR C 254 13.66 -0.75 -0.74
C TYR C 254 14.56 -0.69 -1.95
N ILE C 255 14.24 0.20 -2.90
CA ILE C 255 15.07 0.33 -4.10
C ILE C 255 16.42 0.89 -3.69
N THR C 256 16.41 1.95 -2.90
CA THR C 256 17.64 2.59 -2.47
C THR C 256 18.50 1.69 -1.56
N GLU C 257 17.86 0.89 -0.73
CA GLU C 257 18.57 -0.03 0.17
C GLU C 257 19.32 -1.10 -0.65
N GLU C 258 18.64 -1.70 -1.60
CA GLU C 258 19.25 -2.69 -2.46
C GLU C 258 20.42 -2.12 -3.27
N ILE C 259 20.28 -0.89 -3.75
CA ILE C 259 21.33 -0.25 -4.51
C ILE C 259 22.55 0.03 -3.62
N TYR C 260 22.31 0.37 -2.35
CA TYR C 260 23.43 0.63 -1.43
C TYR C 260 24.24 -0.65 -1.27
N LYS C 261 23.53 -1.75 -1.06
CA LYS C 261 24.15 -3.06 -0.88
C LYS C 261 25.05 -3.51 -2.03
N THR C 262 24.78 -3.04 -3.25
CA THR C 262 25.61 -3.45 -4.38
C THR C 262 27.03 -2.85 -4.28
N GLY C 263 27.16 -1.79 -3.50
CA GLY C 263 28.47 -1.18 -3.33
C GLY C 263 28.96 -0.52 -4.60
N LEU C 264 28.10 -0.46 -5.60
CA LEU C 264 28.47 0.14 -6.86
C LEU C 264 27.89 1.52 -7.12
N LEU C 265 27.20 2.11 -6.15
CA LEU C 265 26.63 3.44 -6.40
C LEU C 265 27.74 4.42 -6.66
N SER C 266 27.70 5.05 -7.84
CA SER C 266 28.71 6.01 -8.28
C SER C 266 28.15 7.45 -8.50
N GLY C 267 26.87 7.53 -8.87
CA GLY C 267 26.25 8.83 -9.12
C GLY C 267 24.78 8.83 -8.74
N LEU C 268 24.32 9.94 -8.18
CA LEU C 268 22.94 10.04 -7.73
C LEU C 268 22.26 11.37 -8.07
N ASP C 269 20.98 11.31 -8.40
CA ASP C 269 20.17 12.49 -8.71
C ASP C 269 18.86 12.45 -7.93
N ILE C 270 18.61 13.51 -7.18
CA ILE C 270 17.39 13.65 -6.41
C ILE C 270 16.70 14.83 -7.06
N MET C 271 15.87 14.53 -8.07
CA MET C 271 15.19 15.55 -8.85
C MET C 271 13.69 15.82 -8.63
N GLU C 272 13.27 16.96 -9.19
CA GLU C 272 11.91 17.47 -9.19
C GLU C 272 11.26 17.87 -7.88
N VAL C 273 12.04 18.07 -6.82
CA VAL C 273 11.42 18.50 -5.58
C VAL C 273 11.04 19.98 -5.73
N ASN C 274 9.74 20.27 -5.70
CA ASN C 274 9.28 21.65 -5.84
C ASN C 274 8.51 22.14 -4.62
N PRO C 275 9.21 22.77 -3.66
CA PRO C 275 8.71 23.33 -2.39
C PRO C 275 7.54 24.28 -2.52
N THR C 276 7.36 24.87 -3.70
CA THR C 276 6.27 25.82 -3.89
C THR C 276 4.96 25.18 -4.32
N LEU C 277 5.01 23.89 -4.65
CA LEU C 277 3.82 23.17 -5.08
C LEU C 277 3.07 22.42 -3.97
N GLY C 278 3.52 22.58 -2.73
CA GLY C 278 2.83 21.91 -1.64
C GLY C 278 1.59 22.67 -1.24
N LYS C 279 0.43 22.00 -1.24
CA LYS C 279 -0.84 22.64 -0.88
C LYS C 279 -0.84 23.08 0.59
N THR C 280 -0.10 22.35 1.41
CA THR C 280 0.00 22.70 2.82
C THR C 280 1.46 22.56 3.21
N PRO C 281 1.89 23.33 4.23
CA PRO C 281 3.29 23.19 4.61
C PRO C 281 3.69 21.73 4.82
N GLU C 282 2.76 20.96 5.38
CA GLU C 282 2.99 19.54 5.65
C GLU C 282 3.29 18.75 4.36
N GLU C 283 2.63 19.11 3.26
CA GLU C 283 2.89 18.38 2.03
C GLU C 283 4.32 18.59 1.57
N VAL C 284 4.83 19.79 1.77
CA VAL C 284 6.19 20.11 1.36
C VAL C 284 7.17 19.41 2.27
N THR C 285 6.84 19.36 3.56
CA THR C 285 7.67 18.71 4.58
C THR C 285 7.69 17.19 4.34
N ARG C 286 6.54 16.67 3.93
CA ARG C 286 6.44 15.26 3.65
C ARG C 286 7.42 14.96 2.53
N THR C 287 7.28 15.67 1.42
CA THR C 287 8.13 15.49 0.24
C THR C 287 9.64 15.62 0.50
N VAL C 288 10.06 16.72 1.12
CA VAL C 288 11.48 16.92 1.42
C VAL C 288 12.04 15.80 2.26
N ASN C 289 11.30 15.46 3.33
CA ASN C 289 11.74 14.41 4.22
C ASN C 289 11.92 13.07 3.52
N THR C 290 10.95 12.64 2.71
CA THR C 290 11.14 11.35 2.05
C THR C 290 12.30 11.42 1.06
N ALA C 291 12.49 12.57 0.42
CA ALA C 291 13.61 12.72 -0.52
C ALA C 291 14.90 12.48 0.25
N VAL C 292 15.04 13.19 1.38
CA VAL C 292 16.19 13.07 2.26
C VAL C 292 16.38 11.61 2.69
N ALA C 293 15.30 10.98 3.12
CA ALA C 293 15.39 9.59 3.59
C ALA C 293 15.98 8.70 2.50
N LEU C 294 15.48 8.85 1.28
CA LEU C 294 15.96 8.06 0.15
C LEU C 294 17.46 8.31 -0.05
N THR C 295 17.85 9.57 0.06
CA THR C 295 19.26 9.88 -0.12
C THR C 295 20.13 9.16 0.93
N LEU C 296 19.74 9.23 2.20
CA LEU C 296 20.51 8.57 3.26
C LEU C 296 20.48 7.05 3.10
N SER C 297 19.39 6.54 2.54
CA SER C 297 19.26 5.09 2.35
C SER C 297 20.26 4.64 1.29
N CYS C 298 20.50 5.49 0.31
CA CYS C 298 21.43 5.17 -0.76
C CYS C 298 22.84 5.00 -0.21
N PHE C 299 23.10 5.69 0.90
CA PHE C 299 24.40 5.64 1.53
C PHE C 299 24.47 4.88 2.84
N GLY C 300 23.77 3.75 2.91
CA GLY C 300 23.82 2.92 4.09
C GLY C 300 22.68 2.84 5.10
N THR C 301 22.01 3.94 5.39
CA THR C 301 20.95 3.89 6.39
C THR C 301 19.99 2.74 6.08
N LYS C 302 19.87 1.81 7.03
CA LYS C 302 19.00 0.63 6.90
C LYS C 302 17.84 0.72 7.89
N ARG C 303 16.70 0.15 7.53
CA ARG C 303 15.53 0.20 8.41
C ARG C 303 15.65 -0.81 9.55
N GLU C 304 16.55 -1.78 9.39
CA GLU C 304 16.74 -2.77 10.44
C GLU C 304 17.61 -2.10 11.49
N GLY C 305 18.23 -0.98 11.09
CA GLY C 305 19.10 -0.25 12.01
C GLY C 305 20.55 -0.25 11.60
N ASN C 306 21.33 0.59 12.27
CA ASN C 306 22.76 0.73 12.01
C ASN C 306 23.51 0.88 13.33
N HIS C 307 24.73 0.38 13.38
CA HIS C 307 25.57 0.52 14.57
C HIS C 307 27.00 0.65 14.10
N LYS C 308 27.78 1.46 14.81
CA LYS C 308 29.17 1.68 14.43
C LYS C 308 30.12 0.53 14.78
N PRO C 309 30.86 0.01 13.78
CA PRO C 309 31.81 -1.08 13.97
C PRO C 309 32.81 -0.80 15.09
N GLU C 310 33.33 -1.88 15.69
CA GLU C 310 34.31 -1.79 16.77
C GLU C 310 33.83 -1.15 18.07
N THR C 311 32.56 -0.77 18.11
CA THR C 311 32.03 -0.17 19.32
C THR C 311 31.20 -1.19 20.07
N ASP C 312 31.66 -1.57 21.26
CA ASP C 312 30.94 -2.54 22.08
C ASP C 312 29.94 -1.75 22.92
N TYR C 313 28.67 -1.76 22.49
CA TYR C 313 27.63 -1.02 23.19
C TYR C 313 27.24 -1.62 24.54
N LEU C 314 27.87 -2.74 24.91
CA LEU C 314 27.59 -3.38 26.19
C LEU C 314 28.78 -3.25 27.15
#